data_6PBV
#
_entry.id   6PBV
#
_cell.length_a   58.065
_cell.length_b   60.127
_cell.length_c   76.338
_cell.angle_alpha   72.43
_cell.angle_beta   68.07
_cell.angle_gamma   83.58
#
_symmetry.space_group_name_H-M   'P 1'
#
loop_
_entity.id
_entity.type
_entity.pdbx_description
1 polymer 'Fab668 light chain'
2 polymer 'Fab668 heavy chain'
3 polymer 'Junctional peptide'
4 non-polymer 1,2-ETHANEDIOL
5 water water
#
loop_
_entity_poly.entity_id
_entity_poly.type
_entity_poly.pdbx_seq_one_letter_code
_entity_poly.pdbx_strand_id
1 'polypeptide(L)'
;QSALTQPASVSGSPGQSITISCTGTSSDVGSYNYVSWYQQHPGKAPKLMIYDVNTRPSGVSIRFSASKSGNTASLTVSGL
QAEDEAVYYCSSYAGSSTWVFGGGTKLTVLGQPKAAPSVTLFPPSSEELQANKATLVCLISDFYPGAVTVAWKADSSPVK
AGVETTTPSKQSNNKYAASSYLSLTPEQWKSHRSYSCQVTHEGSTVEKTVAPTECS
;
A,C
2 'polypeptide(L)'
;(PCA)VQLVQSGAEVKKPGASVKVSCKASGFTFTDYAMHWVRQAPGQRLEWMGWINAGNGYTKYSQKFQDRLTITRDTFA
STVYMELSSLRSEDTTVYYCARDGFCPSNTCSGYYGMDVWGQGTTVTVSSASTKGPSVFPLAPSSKSTSGGTAALGCLVK
DYFPEPVTVSWNSGALTSGVHTFPAVLQSSGLYSLSSVVTVPSSSLGTQTYICNVNHKPSNTKVDKKVEPKSC
;
B,D
3 'polypeptide(L)' (ACE)KQPADGNPDPNANP(NH2) G,I
#
# COMPACT_ATOMS: atom_id res chain seq x y z
N ALA A 3 -36.94 -25.97 -1.40
CA ALA A 3 -37.07 -25.11 -2.59
C ALA A 3 -37.83 -25.77 -3.75
N LEU A 4 -38.73 -25.02 -4.39
CA LEU A 4 -39.42 -25.52 -5.58
C LEU A 4 -38.39 -25.78 -6.67
N THR A 5 -38.64 -26.80 -7.51
CA THR A 5 -37.66 -27.22 -8.51
C THR A 5 -37.95 -26.62 -9.87
N GLN A 6 -36.99 -25.86 -10.38
CA GLN A 6 -37.07 -25.24 -11.69
C GLN A 6 -35.85 -25.66 -12.51
N PRO A 7 -35.94 -25.73 -13.84
CA PRO A 7 -34.74 -25.98 -14.65
C PRO A 7 -33.76 -24.82 -14.51
N ALA A 8 -32.47 -25.16 -14.54
CA ALA A 8 -31.46 -24.12 -14.38
C ALA A 8 -31.54 -23.09 -15.53
N SER A 9 -31.87 -23.56 -16.72
CA SER A 9 -31.91 -22.64 -17.84
C SER A 9 -32.89 -23.11 -18.90
N VAL A 10 -33.40 -22.15 -19.66
CA VAL A 10 -34.25 -22.39 -20.80
C VAL A 10 -33.78 -21.39 -21.87
N SER A 11 -33.84 -21.78 -23.12
CA SER A 11 -33.52 -20.83 -24.17
C SER A 11 -34.48 -21.00 -25.34
N GLY A 12 -34.62 -19.94 -26.12
CA GLY A 12 -35.42 -19.93 -27.31
C GLY A 12 -34.90 -18.84 -28.22
N SER A 13 -35.39 -18.82 -29.43
CA SER A 13 -35.05 -17.80 -30.42
C SER A 13 -36.09 -16.69 -30.39
N PRO A 14 -35.75 -15.49 -30.88
CA PRO A 14 -36.75 -14.42 -30.91
C PRO A 14 -38.01 -14.85 -31.64
N GLY A 15 -39.15 -14.51 -31.06
CA GLY A 15 -40.42 -14.83 -31.66
C GLY A 15 -40.96 -16.15 -31.24
N GLN A 16 -40.18 -17.00 -30.60
CA GLN A 16 -40.70 -18.30 -30.22
C GLN A 16 -41.26 -18.27 -28.80
N SER A 17 -41.86 -19.38 -28.41
CA SER A 17 -42.39 -19.54 -27.07
C SER A 17 -41.50 -20.49 -26.31
N ILE A 18 -41.41 -20.26 -25.00
CA ILE A 18 -40.73 -21.14 -24.08
C ILE A 18 -41.64 -21.35 -22.87
N THR A 19 -41.38 -22.44 -22.16
CA THR A 19 -42.11 -22.70 -20.92
C THR A 19 -41.11 -23.06 -19.84
N ILE A 20 -41.41 -22.60 -18.63
CA ILE A 20 -40.58 -22.86 -17.46
C ILE A 20 -41.42 -23.58 -16.45
N SER A 21 -40.95 -24.75 -16.02
CA SER A 21 -41.69 -25.51 -15.03
CA SER A 21 -41.67 -25.55 -15.04
C SER A 21 -41.21 -25.20 -13.62
N CYS A 22 -42.10 -25.45 -12.67
CA CYS A 22 -41.85 -25.24 -11.26
C CYS A 22 -42.56 -26.36 -10.51
N THR A 23 -41.80 -27.33 -10.03
CA THR A 23 -42.39 -28.51 -9.40
C THR A 23 -42.21 -28.41 -7.89
N GLY A 24 -43.32 -28.45 -7.16
CA GLY A 24 -43.31 -28.50 -5.71
C GLY A 24 -43.81 -29.83 -5.18
N THR A 25 -44.57 -29.78 -4.09
CA THR A 25 -45.13 -30.96 -3.46
C THR A 25 -46.63 -30.76 -3.32
N SER A 26 -47.34 -31.79 -2.85
CA SER A 26 -48.78 -31.59 -2.70
C SER A 26 -49.07 -30.62 -1.55
N SER A 27 -48.07 -30.36 -0.69
CA SER A 27 -48.17 -29.41 0.41
C SER A 27 -48.09 -27.94 0.00
N ASP A 28 -47.71 -27.65 -1.23
CA ASP A 28 -47.62 -26.24 -1.62
C ASP A 28 -48.30 -26.04 -2.97
N VAL A 29 -47.57 -26.26 -4.08
CA VAL A 29 -48.14 -26.05 -5.41
C VAL A 29 -49.43 -26.86 -5.58
N GLY A 30 -49.39 -28.11 -5.18
CA GLY A 30 -50.55 -28.99 -5.27
C GLY A 30 -51.70 -28.65 -4.37
N SER A 31 -51.49 -27.81 -3.34
CA SER A 31 -52.57 -27.54 -2.37
C SER A 31 -53.24 -26.18 -2.53
N TYR A 32 -52.56 -25.20 -3.12
CA TYR A 32 -53.09 -23.83 -3.12
C TYR A 32 -53.01 -23.17 -4.48
N ASN A 33 -53.90 -22.18 -4.65
CA ASN A 33 -53.91 -21.29 -5.81
C ASN A 33 -53.05 -20.04 -5.63
N TYR A 34 -52.09 -20.06 -4.72
CA TYR A 34 -51.19 -18.92 -4.53
C TYR A 34 -49.81 -19.21 -5.11
N VAL A 35 -49.75 -19.41 -6.41
CA VAL A 35 -48.49 -19.55 -7.12
C VAL A 35 -48.26 -18.24 -7.84
N SER A 36 -47.08 -17.66 -7.65
CA SER A 36 -46.66 -16.43 -8.32
C SER A 36 -45.39 -16.68 -9.13
N TRP A 37 -45.18 -15.82 -10.11
CA TRP A 37 -43.94 -15.83 -10.87
C TRP A 37 -43.33 -14.45 -10.88
N TYR A 38 -41.98 -14.42 -10.80
CA TYR A 38 -41.21 -13.18 -10.71
C TYR A 38 -40.11 -13.16 -11.75
N GLN A 39 -39.93 -11.99 -12.34
CA GLN A 39 -38.86 -11.81 -13.32
C GLN A 39 -37.80 -10.96 -12.65
N GLN A 40 -36.52 -11.35 -12.76
CA GLN A 40 -35.49 -10.54 -12.14
C GLN A 40 -34.36 -10.27 -13.13
N HIS A 41 -34.13 -9.02 -13.42
CA HIS A 41 -33.03 -8.57 -14.25
C HIS A 41 -31.84 -8.29 -13.38
N PRO A 42 -30.61 -8.33 -13.93
CA PRO A 42 -29.41 -8.25 -13.09
C PRO A 42 -29.37 -6.96 -12.32
N GLY A 43 -29.08 -7.05 -11.04
CA GLY A 43 -28.93 -5.84 -10.25
C GLY A 43 -30.22 -5.18 -9.81
N LYS A 44 -31.37 -5.72 -10.17
CA LYS A 44 -32.65 -5.13 -9.83
C LYS A 44 -33.47 -6.08 -8.95
N ALA A 45 -34.49 -5.53 -8.31
CA ALA A 45 -35.41 -6.35 -7.56
C ALA A 45 -36.34 -7.16 -8.48
N PRO A 46 -36.88 -8.29 -8.02
CA PRO A 46 -37.84 -9.03 -8.82
C PRO A 46 -39.06 -8.20 -9.11
N LYS A 47 -39.68 -8.53 -10.23
CA LYS A 47 -40.97 -7.98 -10.60
C LYS A 47 -42.00 -9.09 -10.66
N LEU A 48 -43.21 -8.85 -10.07
CA LEU A 48 -44.30 -9.83 -10.17
C LEU A 48 -44.86 -9.90 -11.60
N MET A 49 -44.87 -11.10 -12.16
CA MET A 49 -45.41 -11.32 -13.51
C MET A 49 -46.71 -12.10 -13.54
N ILE A 50 -46.95 -12.95 -12.55
CA ILE A 50 -48.19 -13.73 -12.47
C ILE A 50 -48.43 -13.91 -10.98
N TYR A 51 -49.69 -13.79 -10.54
CA TYR A 51 -50.08 -14.21 -9.20
C TYR A 51 -51.34 -15.07 -9.30
N ASP A 52 -51.71 -15.73 -8.19
CA ASP A 52 -52.92 -16.60 -8.16
C ASP A 52 -52.94 -17.58 -9.34
N VAL A 53 -51.79 -18.20 -9.61
CA VAL A 53 -51.54 -19.24 -10.62
C VAL A 53 -51.47 -18.66 -12.04
N ASN A 54 -52.47 -17.87 -12.44
CA ASN A 54 -52.62 -17.47 -13.82
C ASN A 54 -53.02 -16.02 -14.04
N THR A 55 -53.03 -15.18 -12.99
CA THR A 55 -53.50 -13.80 -13.17
C THR A 55 -52.32 -12.90 -13.50
N ARG A 56 -52.45 -12.12 -14.59
CA ARG A 56 -51.39 -11.13 -14.89
C ARG A 56 -51.65 -9.86 -14.10
N PRO A 57 -50.65 -9.31 -13.41
CA PRO A 57 -50.86 -8.01 -12.75
C PRO A 57 -50.94 -6.92 -13.80
N SER A 58 -51.52 -5.79 -13.39
CA SER A 58 -51.72 -4.68 -14.32
C SER A 58 -50.41 -4.31 -15.00
N GLY A 59 -50.50 -4.07 -16.31
CA GLY A 59 -49.38 -3.65 -17.11
C GLY A 59 -48.46 -4.75 -17.62
N VAL A 60 -48.57 -5.98 -17.10
CA VAL A 60 -47.69 -7.05 -17.55
C VAL A 60 -48.17 -7.51 -18.91
N SER A 61 -47.21 -7.78 -19.81
CA SER A 61 -47.54 -8.17 -21.18
C SER A 61 -48.32 -9.47 -21.27
N ILE A 62 -49.29 -9.53 -22.19
CA ILE A 62 -50.04 -10.76 -22.46
C ILE A 62 -49.16 -11.88 -23.00
N ARG A 63 -47.91 -11.59 -23.34
CA ARG A 63 -47.02 -12.66 -23.70
C ARG A 63 -46.69 -13.59 -22.55
N PHE A 64 -46.96 -13.18 -21.31
CA PHE A 64 -46.70 -14.01 -20.14
C PHE A 64 -48.00 -14.66 -19.68
N SER A 65 -48.00 -16.00 -19.52
CA SER A 65 -49.17 -16.65 -18.98
C SER A 65 -48.68 -17.86 -18.18
N ALA A 66 -49.52 -18.35 -17.29
CA ALA A 66 -49.10 -19.48 -16.46
C ALA A 66 -50.28 -20.35 -16.14
N SER A 67 -49.98 -21.54 -15.61
CA SER A 67 -51.01 -22.49 -15.24
C SER A 67 -50.38 -23.44 -14.23
N LYS A 68 -51.19 -24.34 -13.71
CA LYS A 68 -50.66 -25.42 -12.92
C LYS A 68 -51.47 -26.68 -13.18
N SER A 69 -50.82 -27.80 -12.91
CA SER A 69 -51.40 -29.12 -13.11
C SER A 69 -50.78 -29.99 -12.04
N GLY A 70 -51.58 -30.46 -11.08
CA GLY A 70 -51.00 -31.27 -10.02
C GLY A 70 -50.04 -30.45 -9.20
N ASN A 71 -48.80 -30.93 -9.10
CA ASN A 71 -47.81 -30.25 -8.27
C ASN A 71 -46.85 -29.40 -9.09
N THR A 72 -47.10 -29.22 -10.39
CA THR A 72 -46.18 -28.49 -11.27
C THR A 72 -46.89 -27.25 -11.81
N ALA A 73 -46.26 -26.10 -11.65
CA ALA A 73 -46.74 -24.86 -12.25
C ALA A 73 -45.86 -24.58 -13.47
N SER A 74 -46.40 -23.90 -14.47
CA SER A 74 -45.66 -23.64 -15.70
C SER A 74 -45.91 -22.22 -16.15
N LEU A 75 -44.83 -21.49 -16.41
CA LEU A 75 -44.93 -20.17 -16.98
C LEU A 75 -44.59 -20.30 -18.46
N THR A 76 -45.38 -19.69 -19.33
CA THR A 76 -45.10 -19.68 -20.75
C THR A 76 -44.85 -18.24 -21.17
N VAL A 77 -43.75 -18.01 -21.89
CA VAL A 77 -43.45 -16.70 -22.44
C VAL A 77 -43.55 -16.84 -23.95
N SER A 78 -44.48 -16.15 -24.58
CA SER A 78 -44.59 -16.25 -26.03
C SER A 78 -43.95 -15.01 -26.68
N GLY A 79 -43.79 -15.06 -28.00
CA GLY A 79 -43.14 -13.99 -28.76
C GLY A 79 -41.83 -13.50 -28.14
N LEU A 80 -40.94 -14.42 -27.81
CA LEU A 80 -39.72 -14.07 -27.07
C LEU A 80 -39.05 -12.81 -27.61
N GLN A 81 -38.68 -11.91 -26.70
CA GLN A 81 -37.92 -10.72 -27.09
C GLN A 81 -36.65 -10.67 -26.26
N ALA A 82 -35.64 -9.93 -26.74
CA ALA A 82 -34.37 -9.88 -26.03
C ALA A 82 -34.56 -9.38 -24.60
N GLU A 83 -35.50 -8.45 -24.39
CA GLU A 83 -35.73 -7.94 -23.05
C GLU A 83 -36.24 -9.01 -22.09
N ASP A 84 -36.71 -10.15 -22.60
CA ASP A 84 -37.18 -11.17 -21.65
C ASP A 84 -36.07 -11.97 -21.01
N GLU A 85 -34.83 -11.77 -21.40
CA GLU A 85 -33.71 -12.46 -20.78
C GLU A 85 -33.56 -11.97 -19.37
N ALA A 86 -33.64 -12.90 -18.43
CA ALA A 86 -33.75 -12.59 -17.01
C ALA A 86 -33.72 -13.92 -16.28
N VAL A 87 -33.72 -13.87 -14.94
CA VAL A 87 -33.94 -15.06 -14.13
C VAL A 87 -35.39 -15.03 -13.66
N TYR A 88 -36.08 -16.14 -13.79
CA TYR A 88 -37.52 -16.23 -13.42
C TYR A 88 -37.61 -17.14 -12.24
N TYR A 89 -38.41 -16.74 -11.26
CA TYR A 89 -38.67 -17.50 -10.05
C TYR A 89 -40.15 -17.80 -9.92
N CYS A 90 -40.45 -19.01 -9.53
CA CYS A 90 -41.81 -19.27 -9.05
CA CYS A 90 -41.79 -19.33 -9.06
C CYS A 90 -41.81 -19.21 -7.53
N SER A 91 -43.01 -19.05 -6.98
CA SER A 91 -43.15 -19.10 -5.53
C SER A 91 -44.50 -19.73 -5.22
N SER A 92 -44.65 -20.24 -3.99
CA SER A 92 -45.93 -20.81 -3.61
C SER A 92 -46.14 -20.60 -2.12
N TYR A 93 -47.41 -20.51 -1.74
CA TYR A 93 -47.76 -20.68 -0.34
C TYR A 93 -47.39 -22.08 0.11
N ALA A 94 -46.97 -22.22 1.36
CA ALA A 94 -46.59 -23.54 1.83
C ALA A 94 -47.33 -23.93 3.11
N GLY A 95 -48.38 -23.20 3.45
CA GLY A 95 -49.08 -23.46 4.71
C GLY A 95 -48.44 -22.72 5.88
N SER A 96 -49.21 -22.66 6.99
CA SER A 96 -48.77 -22.04 8.24
C SER A 96 -48.14 -20.67 8.06
N SER A 97 -48.71 -19.91 7.13
CA SER A 97 -48.30 -18.54 6.92
C SER A 97 -46.88 -18.46 6.40
N THR A 98 -46.37 -19.51 5.74
CA THR A 98 -45.04 -19.46 5.14
C THR A 98 -45.12 -19.54 3.62
N TRP A 99 -44.01 -19.11 3.00
CA TRP A 99 -43.87 -19.04 1.55
C TRP A 99 -42.57 -19.67 1.13
N VAL A 100 -42.54 -20.20 -0.11
N VAL A 100 -42.55 -20.20 -0.09
CA VAL A 100 -41.32 -20.82 -0.62
CA VAL A 100 -41.35 -20.79 -0.65
C VAL A 100 -41.12 -20.43 -2.08
C VAL A 100 -41.12 -20.25 -2.05
N PHE A 101 -39.84 -20.18 -2.44
CA PHE A 101 -39.42 -19.85 -3.80
C PHE A 101 -38.82 -21.07 -4.51
N GLY A 102 -38.88 -21.02 -5.84
CA GLY A 102 -38.09 -21.91 -6.65
C GLY A 102 -36.61 -21.46 -6.78
N GLY A 103 -35.79 -22.33 -7.39
CA GLY A 103 -34.37 -22.05 -7.50
C GLY A 103 -33.99 -21.09 -8.60
N GLY A 104 -34.95 -20.74 -9.47
CA GLY A 104 -34.77 -19.78 -10.55
C GLY A 104 -34.32 -20.44 -11.84
N THR A 105 -34.75 -19.85 -12.95
CA THR A 105 -34.41 -20.34 -14.28
C THR A 105 -33.87 -19.16 -15.05
N LYS A 106 -32.67 -19.31 -15.59
CA LYS A 106 -32.11 -18.29 -16.47
C LYS A 106 -32.66 -18.47 -17.87
N LEU A 107 -33.35 -17.46 -18.39
CA LEU A 107 -33.90 -17.49 -19.71
C LEU A 107 -32.90 -16.79 -20.64
N THR A 108 -32.36 -17.54 -21.60
CA THR A 108 -31.53 -17.02 -22.69
C THR A 108 -32.31 -16.93 -23.99
N VAL A 109 -32.21 -15.80 -24.67
CA VAL A 109 -32.80 -15.59 -25.98
C VAL A 109 -31.65 -15.74 -26.96
N LEU A 110 -31.75 -16.75 -27.79
CA LEU A 110 -30.66 -17.07 -28.72
C LEU A 110 -30.56 -15.98 -29.77
N GLY A 111 -29.42 -15.91 -30.44
CA GLY A 111 -29.31 -14.90 -31.46
C GLY A 111 -28.02 -14.12 -31.43
N GLN A 112 -27.49 -13.85 -30.24
CA GLN A 112 -26.32 -13.01 -30.15
C GLN A 112 -25.13 -13.73 -30.76
N PRO A 113 -24.34 -13.06 -31.58
CA PRO A 113 -23.20 -13.72 -32.18
C PRO A 113 -22.17 -14.12 -31.12
N LYS A 114 -21.58 -15.23 -31.46
CA LYS A 114 -20.50 -15.86 -30.75
C LYS A 114 -19.25 -14.96 -30.82
N ALA A 115 -18.46 -14.96 -29.74
CA ALA A 115 -17.26 -14.13 -29.67
C ALA A 115 -16.16 -14.88 -28.94
N ALA A 116 -15.00 -15.00 -29.56
CA ALA A 116 -13.88 -15.69 -28.92
C ALA A 116 -13.18 -14.79 -27.88
N PRO A 117 -12.70 -15.38 -26.79
CA PRO A 117 -12.05 -14.53 -25.76
C PRO A 117 -10.72 -13.94 -26.18
N SER A 118 -10.47 -12.73 -25.68
CA SER A 118 -9.15 -12.14 -25.69
CA SER A 118 -9.15 -12.12 -25.68
C SER A 118 -8.53 -12.42 -24.33
N VAL A 119 -7.27 -12.85 -24.32
CA VAL A 119 -6.60 -13.26 -23.09
C VAL A 119 -5.31 -12.47 -22.95
N THR A 120 -5.11 -11.89 -21.78
CA THR A 120 -3.87 -11.21 -21.45
C THR A 120 -3.36 -11.81 -20.16
N LEU A 121 -2.08 -12.17 -20.14
CA LEU A 121 -1.47 -12.78 -18.97
C LEU A 121 -0.31 -11.91 -18.51
N PHE A 122 -0.38 -11.47 -17.30
CA PHE A 122 0.70 -10.70 -16.67
C PHE A 122 1.48 -11.55 -15.64
N PRO A 123 2.81 -11.44 -15.63
CA PRO A 123 3.64 -12.12 -14.60
C PRO A 123 3.65 -11.29 -13.34
N PRO A 124 4.18 -11.82 -12.23
CA PRO A 124 4.36 -10.97 -11.02
C PRO A 124 5.29 -9.79 -11.29
N SER A 125 4.89 -8.64 -10.77
CA SER A 125 5.78 -7.49 -10.76
C SER A 125 6.96 -7.72 -9.86
N SER A 126 8.12 -7.15 -10.22
CA SER A 126 9.24 -7.16 -9.28
C SER A 126 8.90 -6.54 -7.94
N GLU A 127 8.02 -5.53 -7.90
CA GLU A 127 7.65 -4.96 -6.62
CA GLU A 127 7.62 -4.94 -6.62
C GLU A 127 6.94 -5.98 -5.75
N GLU A 128 6.02 -6.75 -6.33
CA GLU A 128 5.29 -7.73 -5.53
C GLU A 128 6.24 -8.84 -5.07
N LEU A 129 7.19 -9.23 -5.94
CA LEU A 129 8.10 -10.26 -5.51
C LEU A 129 8.88 -9.80 -4.28
N GLN A 130 9.19 -8.50 -4.22
CA GLN A 130 9.97 -7.97 -3.10
C GLN A 130 9.12 -7.93 -1.84
N ALA A 131 7.79 -7.85 -2.05
CA ALA A 131 6.79 -7.95 -0.97
C ALA A 131 6.58 -9.39 -0.51
N ASN A 132 7.39 -10.31 -1.01
CA ASN A 132 7.35 -11.72 -0.68
C ASN A 132 6.05 -12.40 -1.12
N LYS A 133 5.50 -11.96 -2.25
CA LYS A 133 4.26 -12.48 -2.81
C LYS A 133 4.43 -12.60 -4.31
N ALA A 134 3.60 -13.39 -4.95
CA ALA A 134 3.67 -13.47 -6.41
C ALA A 134 2.27 -13.79 -6.90
N THR A 135 1.78 -13.01 -7.86
CA THR A 135 0.45 -13.24 -8.40
C THR A 135 0.60 -13.20 -9.91
N LEU A 136 0.11 -14.23 -10.60
CA LEU A 136 -0.05 -14.18 -12.05
C LEU A 136 -1.48 -13.82 -12.32
N VAL A 137 -1.73 -12.98 -13.33
CA VAL A 137 -3.06 -12.40 -13.55
CA VAL A 137 -3.07 -12.46 -13.54
C VAL A 137 -3.47 -12.72 -14.98
N CYS A 138 -4.52 -13.46 -15.15
CA CYS A 138 -5.00 -13.87 -16.46
C CYS A 138 -6.34 -13.19 -16.67
N LEU A 139 -6.40 -12.29 -17.63
CA LEU A 139 -7.56 -11.44 -17.85
C LEU A 139 -8.23 -11.90 -19.13
N ILE A 140 -9.54 -12.12 -19.06
CA ILE A 140 -10.23 -12.79 -20.15
C ILE A 140 -11.44 -11.93 -20.50
N SER A 141 -11.53 -11.46 -21.75
CA SER A 141 -12.57 -10.49 -22.05
C SER A 141 -13.21 -10.77 -23.40
N ASP A 142 -14.36 -10.14 -23.64
CA ASP A 142 -14.98 -10.09 -24.96
C ASP A 142 -15.42 -11.45 -25.45
N PHE A 143 -15.85 -12.34 -24.57
CA PHE A 143 -16.33 -13.63 -25.04
C PHE A 143 -17.86 -13.75 -24.95
N TYR A 144 -18.40 -14.60 -25.81
CA TYR A 144 -19.81 -14.97 -25.79
C TYR A 144 -19.97 -16.32 -26.48
N PRO A 145 -20.73 -17.27 -25.91
CA PRO A 145 -21.50 -17.14 -24.67
C PRO A 145 -20.61 -16.90 -23.44
N GLY A 146 -21.29 -16.57 -22.33
CA GLY A 146 -20.60 -16.15 -21.11
C GLY A 146 -20.12 -17.26 -20.22
N ALA A 147 -19.28 -18.14 -20.73
CA ALA A 147 -18.74 -19.24 -19.93
C ALA A 147 -17.39 -19.65 -20.48
N VAL A 148 -16.44 -19.74 -19.60
CA VAL A 148 -15.11 -20.14 -19.97
C VAL A 148 -14.58 -21.04 -18.84
N THR A 149 -13.62 -21.90 -19.19
CA THR A 149 -12.85 -22.60 -18.16
C THR A 149 -11.38 -22.26 -18.28
N VAL A 150 -10.70 -22.25 -17.14
CA VAL A 150 -9.32 -21.78 -17.06
C VAL A 150 -8.48 -22.87 -16.43
N ALA A 151 -7.32 -23.16 -17.03
CA ALA A 151 -6.40 -24.16 -16.51
C ALA A 151 -5.02 -23.52 -16.47
N TRP A 152 -4.29 -23.75 -15.39
CA TRP A 152 -2.94 -23.19 -15.27
C TRP A 152 -1.89 -24.29 -15.31
N LYS A 153 -0.71 -23.96 -15.86
CA LYS A 153 0.40 -24.89 -16.00
C LYS A 153 1.68 -24.21 -15.53
N ALA A 154 2.47 -24.95 -14.78
CA ALA A 154 3.83 -24.57 -14.42
C ALA A 154 4.73 -25.40 -15.31
N ASP A 155 5.50 -24.72 -16.19
CA ASP A 155 6.08 -25.40 -17.35
C ASP A 155 4.95 -26.10 -18.08
N SER A 156 5.00 -27.43 -18.23
CA SER A 156 3.92 -28.19 -18.85
C SER A 156 3.04 -28.89 -17.82
N SER A 157 3.27 -28.65 -16.51
CA SER A 157 2.60 -29.48 -15.50
C SER A 157 1.38 -28.74 -14.94
N PRO A 158 0.25 -29.41 -14.76
CA PRO A 158 -0.95 -28.73 -14.24
C PRO A 158 -0.73 -28.17 -12.83
N VAL A 159 -1.33 -27.00 -12.58
CA VAL A 159 -1.31 -26.37 -11.26
C VAL A 159 -2.74 -26.12 -10.83
N LYS A 160 -3.15 -26.69 -9.71
CA LYS A 160 -4.46 -26.38 -9.16
C LYS A 160 -4.42 -25.56 -7.86
N ALA A 161 -3.38 -25.71 -7.05
CA ALA A 161 -3.25 -24.91 -5.82
C ALA A 161 -3.07 -23.44 -6.15
N GLY A 162 -3.76 -22.60 -5.40
CA GLY A 162 -3.49 -21.17 -5.51
C GLY A 162 -4.28 -20.46 -6.59
N VAL A 163 -5.26 -21.12 -7.21
CA VAL A 163 -5.99 -20.53 -8.31
C VAL A 163 -7.28 -19.93 -7.78
N GLU A 164 -7.62 -18.73 -8.25
CA GLU A 164 -8.87 -18.06 -7.88
C GLU A 164 -9.45 -17.46 -9.15
N THR A 165 -10.66 -17.87 -9.54
CA THR A 165 -11.24 -17.38 -10.78
C THR A 165 -12.61 -16.77 -10.52
N THR A 166 -12.86 -15.63 -11.16
CA THR A 166 -14.11 -14.95 -10.96
C THR A 166 -15.21 -15.58 -11.83
N THR A 167 -16.45 -15.34 -11.44
CA THR A 167 -17.58 -15.61 -12.28
C THR A 167 -17.52 -14.71 -13.52
N PRO A 168 -17.97 -15.18 -14.68
CA PRO A 168 -18.05 -14.26 -15.81
C PRO A 168 -19.06 -13.18 -15.52
N SER A 169 -18.74 -11.97 -15.95
CA SER A 169 -19.59 -10.81 -15.74
C SER A 169 -19.84 -10.11 -17.06
N LYS A 170 -21.05 -9.60 -17.25
CA LYS A 170 -21.43 -9.00 -18.52
C LYS A 170 -20.80 -7.62 -18.66
N GLN A 171 -20.07 -7.40 -19.76
CA GLN A 171 -19.45 -6.10 -20.04
C GLN A 171 -20.48 -5.15 -20.66
N SER A 172 -20.08 -3.88 -20.82
CA SER A 172 -21.03 -2.90 -21.36
C SER A 172 -21.47 -3.25 -22.78
N ASN A 173 -20.68 -4.05 -23.50
CA ASN A 173 -21.04 -4.42 -24.87
C ASN A 173 -21.76 -5.76 -24.97
N ASN A 174 -22.24 -6.30 -23.84
CA ASN A 174 -23.02 -7.54 -23.72
C ASN A 174 -22.19 -8.79 -23.95
N LYS A 175 -20.90 -8.67 -24.14
CA LYS A 175 -20.03 -9.83 -24.03
C LYS A 175 -19.61 -9.94 -22.58
N TYR A 176 -18.84 -10.96 -22.28
CA TYR A 176 -18.49 -11.32 -20.92
C TYR A 176 -16.99 -11.17 -20.66
N ALA A 177 -16.64 -10.92 -19.39
CA ALA A 177 -15.27 -10.85 -18.93
C ALA A 177 -15.08 -11.72 -17.68
N ALA A 178 -13.87 -12.20 -17.45
CA ALA A 178 -13.55 -12.91 -16.21
C ALA A 178 -12.06 -12.72 -15.92
N SER A 179 -11.65 -13.04 -14.72
CA SER A 179 -10.23 -12.97 -14.35
CA SER A 179 -10.21 -13.03 -14.46
C SER A 179 -9.84 -14.25 -13.65
N SER A 180 -8.59 -14.66 -13.78
CA SER A 180 -8.12 -15.78 -12.99
C SER A 180 -6.76 -15.39 -12.43
N TYR A 181 -6.55 -15.68 -11.18
CA TYR A 181 -5.33 -15.30 -10.49
C TYR A 181 -4.68 -16.56 -9.96
N LEU A 182 -3.38 -16.70 -10.15
CA LEU A 182 -2.61 -17.80 -9.60
C LEU A 182 -1.68 -17.19 -8.58
N SER A 183 -1.85 -17.56 -7.32
CA SER A 183 -0.95 -17.09 -6.27
C SER A 183 0.16 -18.12 -6.05
N LEU A 184 1.39 -17.64 -6.03
CA LEU A 184 2.58 -18.49 -5.86
C LEU A 184 3.52 -17.81 -4.89
N THR A 185 4.50 -18.56 -4.41
CA THR A 185 5.59 -17.84 -3.74
C THR A 185 6.57 -17.30 -4.76
N PRO A 186 7.36 -16.31 -4.38
CA PRO A 186 8.38 -15.81 -5.30
C PRO A 186 9.33 -16.89 -5.76
N GLU A 187 9.71 -17.79 -4.87
CA GLU A 187 10.65 -18.83 -5.28
C GLU A 187 9.99 -19.85 -6.19
N GLN A 188 8.66 -20.08 -6.03
CA GLN A 188 8.01 -20.96 -6.99
C GLN A 188 8.00 -20.35 -8.38
N TRP A 189 7.70 -19.06 -8.45
CA TRP A 189 7.72 -18.34 -9.72
C TRP A 189 9.06 -18.43 -10.41
N LYS A 190 10.14 -18.17 -9.67
CA LYS A 190 11.49 -18.22 -10.24
C LYS A 190 11.99 -19.65 -10.47
N SER A 191 11.32 -20.68 -9.96
CA SER A 191 11.84 -22.04 -10.05
C SER A 191 11.45 -22.76 -11.34
N HIS A 192 10.57 -22.18 -12.15
CA HIS A 192 10.12 -22.81 -13.38
C HIS A 192 10.57 -21.97 -14.57
N ARG A 193 10.64 -22.60 -15.72
CA ARG A 193 10.96 -21.84 -16.91
C ARG A 193 9.80 -20.97 -17.36
N SER A 194 8.54 -21.37 -17.12
CA SER A 194 7.42 -20.56 -17.55
C SER A 194 6.16 -21.03 -16.81
N TYR A 195 5.15 -20.14 -16.81
CA TYR A 195 3.81 -20.49 -16.37
C TYR A 195 2.85 -20.14 -17.50
N SER A 196 1.76 -20.92 -17.63
CA SER A 196 0.78 -20.64 -18.69
C SER A 196 -0.64 -20.59 -18.15
N CYS A 197 -1.47 -19.74 -18.74
CA CYS A 197 -2.91 -19.69 -18.51
CA CYS A 197 -2.90 -19.80 -18.48
C CYS A 197 -3.60 -20.19 -19.77
N GLN A 198 -4.43 -21.21 -19.66
CA GLN A 198 -5.11 -21.82 -20.79
CA GLN A 198 -5.12 -21.86 -20.77
C GLN A 198 -6.61 -21.61 -20.62
N VAL A 199 -7.21 -20.97 -21.60
CA VAL A 199 -8.61 -20.55 -21.53
C VAL A 199 -9.36 -21.32 -22.57
N THR A 200 -10.38 -22.05 -22.16
CA THR A 200 -11.16 -22.85 -23.09
C THR A 200 -12.54 -22.25 -23.21
N HIS A 201 -13.00 -22.10 -24.44
CA HIS A 201 -14.27 -21.45 -24.72
C HIS A 201 -14.91 -22.19 -25.88
N GLU A 202 -16.10 -22.77 -25.62
CA GLU A 202 -16.80 -23.61 -26.59
C GLU A 202 -15.85 -24.60 -27.25
N GLY A 203 -15.04 -25.27 -26.44
CA GLY A 203 -14.19 -26.33 -26.93
C GLY A 203 -12.86 -25.91 -27.54
N SER A 204 -12.67 -24.62 -27.83
CA SER A 204 -11.40 -24.14 -28.37
C SER A 204 -10.61 -23.47 -27.25
N THR A 205 -9.27 -23.60 -27.31
CA THR A 205 -8.41 -23.18 -26.22
C THR A 205 -7.36 -22.19 -26.72
N VAL A 206 -7.20 -21.14 -25.96
CA VAL A 206 -6.14 -20.15 -26.10
C VAL A 206 -5.19 -20.33 -24.92
N GLU A 207 -3.91 -20.12 -25.16
CA GLU A 207 -2.92 -20.23 -24.08
C GLU A 207 -1.94 -19.07 -24.17
N LYS A 208 -1.71 -18.43 -23.05
CA LYS A 208 -0.68 -17.41 -22.90
C LYS A 208 0.37 -17.91 -21.92
N THR A 209 1.61 -17.53 -22.14
CA THR A 209 2.71 -17.99 -21.31
CA THR A 209 2.71 -18.00 -21.32
C THR A 209 3.56 -16.80 -20.91
N VAL A 210 4.08 -16.85 -19.67
CA VAL A 210 5.02 -15.84 -19.17
C VAL A 210 6.16 -16.51 -18.41
N ALA A 211 7.31 -15.82 -18.33
CA ALA A 211 8.54 -16.42 -17.84
C ALA A 211 9.26 -15.43 -16.94
N PRO A 212 10.01 -15.92 -15.94
CA PRO A 212 10.70 -14.95 -15.09
C PRO A 212 11.73 -14.11 -15.86
N VAL B 2 -46.00 4.78 -5.23
CA VAL B 2 -45.95 3.66 -4.31
C VAL B 2 -44.54 3.14 -4.32
N GLN B 3 -43.89 3.16 -3.15
CA GLN B 3 -42.52 2.70 -3.11
C GLN B 3 -42.16 2.23 -1.72
N LEU B 4 -41.08 1.43 -1.66
CA LEU B 4 -40.44 0.95 -0.44
C LEU B 4 -38.97 1.35 -0.54
N VAL B 5 -38.48 2.08 0.45
CA VAL B 5 -37.11 2.60 0.40
C VAL B 5 -36.38 2.02 1.59
N GLN B 6 -35.31 1.28 1.33
CA GLN B 6 -34.58 0.60 2.39
C GLN B 6 -33.34 1.39 2.80
N SER B 7 -32.87 1.04 3.98
CA SER B 7 -31.65 1.66 4.50
C SER B 7 -30.42 1.13 3.72
N GLY B 8 -29.25 1.69 4.05
CA GLY B 8 -28.09 1.52 3.18
C GLY B 8 -27.27 0.29 3.54
N ALA B 9 -26.19 0.10 2.77
CA ALA B 9 -25.36 -1.10 2.90
C ALA B 9 -24.69 -1.18 4.26
N GLU B 10 -24.46 -2.42 4.73
CA GLU B 10 -23.86 -2.71 6.03
C GLU B 10 -22.74 -3.72 5.88
N VAL B 11 -21.69 -3.52 6.66
CA VAL B 11 -20.59 -4.46 6.77
CA VAL B 11 -20.57 -4.45 6.77
C VAL B 11 -20.48 -4.86 8.23
N LYS B 12 -20.49 -6.17 8.47
CA LYS B 12 -20.58 -6.70 9.83
C LYS B 12 -19.61 -7.86 10.04
N LYS B 13 -19.18 -8.04 11.32
CA LYS B 13 -18.39 -9.17 11.77
C LYS B 13 -19.31 -10.34 12.11
N PRO B 14 -18.81 -11.58 11.97
CA PRO B 14 -19.53 -12.74 12.49
C PRO B 14 -19.92 -12.55 13.95
N GLY B 15 -21.16 -12.95 14.25
CA GLY B 15 -21.73 -12.85 15.58
C GLY B 15 -22.41 -11.54 15.88
N ALA B 16 -22.21 -10.52 15.04
CA ALA B 16 -22.92 -9.26 15.15
C ALA B 16 -24.38 -9.40 14.72
N SER B 17 -25.09 -8.28 14.78
N SER B 17 -25.10 -8.28 14.75
CA SER B 17 -26.46 -8.16 14.30
CA SER B 17 -26.46 -8.20 14.28
C SER B 17 -26.54 -7.02 13.29
C SER B 17 -26.58 -7.02 13.33
N VAL B 18 -27.58 -7.04 12.48
CA VAL B 18 -27.84 -5.96 11.55
C VAL B 18 -29.33 -5.69 11.58
N LYS B 19 -29.72 -4.40 11.48
CA LYS B 19 -31.11 -3.99 11.52
C LYS B 19 -31.36 -3.12 10.30
N VAL B 20 -32.18 -3.63 9.36
CA VAL B 20 -32.44 -2.96 8.09
C VAL B 20 -33.84 -2.37 8.16
N SER B 21 -34.04 -1.17 7.59
CA SER B 21 -35.37 -0.57 7.62
C SER B 21 -35.90 -0.48 6.21
N CYS B 22 -37.21 -0.40 6.09
CA CYS B 22 -37.91 -0.34 4.84
C CYS B 22 -39.03 0.69 5.02
N LYS B 23 -38.92 1.85 4.38
CA LYS B 23 -39.91 2.92 4.61
C LYS B 23 -40.88 2.94 3.44
N ALA B 24 -42.17 2.88 3.75
CA ALA B 24 -43.23 2.78 2.75
C ALA B 24 -43.83 4.14 2.48
N SER B 25 -44.12 4.42 1.19
CA SER B 25 -44.87 5.61 0.86
C SER B 25 -45.84 5.36 -0.31
N GLY B 26 -46.82 6.23 -0.39
CA GLY B 26 -47.75 6.19 -1.51
C GLY B 26 -48.98 5.31 -1.30
N PHE B 27 -49.07 4.60 -0.20
CA PHE B 27 -50.21 3.71 -0.01
C PHE B 27 -50.53 3.57 1.47
N THR B 28 -51.71 3.00 1.74
CA THR B 28 -52.17 2.86 3.13
C THR B 28 -51.44 1.72 3.81
N PHE B 29 -50.50 2.06 4.69
CA PHE B 29 -49.55 1.10 5.21
C PHE B 29 -50.23 -0.11 5.85
N THR B 30 -51.19 0.15 6.75
CA THR B 30 -51.77 -0.95 7.49
C THR B 30 -52.72 -1.80 6.69
N ASP B 31 -52.91 -1.52 5.38
CA ASP B 31 -53.70 -2.41 4.56
C ASP B 31 -52.91 -3.62 4.08
N TYR B 32 -51.61 -3.72 4.38
CA TYR B 32 -50.73 -4.67 3.72
C TYR B 32 -49.92 -5.46 4.73
N ALA B 33 -49.21 -6.46 4.21
CA ALA B 33 -48.15 -7.15 4.93
C ALA B 33 -46.86 -6.90 4.18
N MET B 34 -45.76 -7.14 4.88
CA MET B 34 -44.41 -6.94 4.33
C MET B 34 -43.58 -8.15 4.59
N HIS B 35 -42.96 -8.67 3.53
CA HIS B 35 -42.00 -9.77 3.63
C HIS B 35 -40.60 -9.24 3.68
N TRP B 36 -39.71 -10.07 4.22
CA TRP B 36 -38.28 -9.95 3.94
C TRP B 36 -37.82 -11.20 3.19
N VAL B 37 -37.04 -10.98 2.12
CA VAL B 37 -36.55 -11.99 1.20
C VAL B 37 -35.11 -11.62 0.94
N ARG B 38 -34.23 -12.60 0.82
CA ARG B 38 -32.84 -12.29 0.62
C ARG B 38 -32.28 -13.15 -0.51
N GLN B 39 -31.09 -12.77 -0.96
CA GLN B 39 -30.52 -13.39 -2.17
C GLN B 39 -29.00 -13.29 -2.11
N ALA B 40 -28.33 -14.43 -2.04
CA ALA B 40 -26.87 -14.42 -2.10
C ALA B 40 -26.40 -14.19 -3.55
N PRO B 41 -25.21 -13.63 -3.75
CA PRO B 41 -24.78 -13.34 -5.12
C PRO B 41 -24.87 -14.55 -6.05
N GLY B 42 -25.58 -14.38 -7.16
CA GLY B 42 -25.71 -15.43 -8.12
C GLY B 42 -26.65 -16.57 -7.77
N GLN B 43 -27.42 -16.42 -6.70
CA GLN B 43 -28.22 -17.51 -6.14
C GLN B 43 -29.67 -17.10 -6.03
N ARG B 44 -30.44 -18.00 -5.46
CA ARG B 44 -31.88 -17.84 -5.50
C ARG B 44 -32.43 -16.85 -4.46
N LEU B 45 -33.65 -16.36 -4.72
CA LEU B 45 -34.42 -15.72 -3.65
C LEU B 45 -34.72 -16.71 -2.56
N GLU B 46 -34.64 -16.23 -1.32
CA GLU B 46 -34.94 -17.04 -0.15
C GLU B 46 -35.91 -16.29 0.78
N TRP B 47 -37.07 -16.87 1.07
CA TRP B 47 -38.05 -16.22 1.94
C TRP B 47 -37.65 -16.27 3.39
N MET B 48 -37.73 -15.13 4.07
CA MET B 48 -37.30 -15.09 5.46
C MET B 48 -38.48 -15.04 6.44
N GLY B 49 -39.47 -14.22 6.14
CA GLY B 49 -40.59 -14.06 7.05
C GLY B 49 -41.38 -12.86 6.62
N TRP B 50 -42.51 -12.62 7.32
CA TRP B 50 -43.33 -11.44 7.02
C TRP B 50 -44.08 -11.01 8.26
N ILE B 51 -44.60 -9.79 8.19
CA ILE B 51 -45.37 -9.14 9.26
C ILE B 51 -46.60 -8.50 8.62
N ASN B 52 -47.70 -8.50 9.35
CA ASN B 52 -48.86 -7.70 9.00
C ASN B 52 -48.63 -6.27 9.48
N ALA B 53 -48.71 -5.29 8.56
CA ALA B 53 -48.38 -3.93 9.00
C ALA B 53 -49.37 -3.42 10.04
N GLY B 54 -50.64 -3.80 9.94
CA GLY B 54 -51.62 -3.37 10.91
C GLY B 54 -51.47 -4.04 12.26
N ASN B 55 -51.72 -5.35 12.33
CA ASN B 55 -51.77 -5.95 13.66
C ASN B 55 -50.41 -6.41 14.16
N GLY B 56 -49.34 -6.38 13.36
CA GLY B 56 -48.03 -6.72 13.89
C GLY B 56 -47.74 -8.19 14.12
N TYR B 57 -48.66 -9.07 13.71
CA TYR B 57 -48.41 -10.51 13.81
C TYR B 57 -47.39 -10.91 12.75
N THR B 58 -46.51 -11.86 13.12
CA THR B 58 -45.42 -12.29 12.26
C THR B 58 -45.39 -13.80 12.09
N LYS B 59 -44.70 -14.20 11.01
CA LYS B 59 -44.32 -15.58 10.78
C LYS B 59 -42.96 -15.58 10.11
N TYR B 60 -42.05 -16.34 10.69
CA TYR B 60 -40.67 -16.51 10.23
C TYR B 60 -40.48 -17.91 9.67
N SER B 61 -39.65 -18.01 8.65
CA SER B 61 -39.21 -19.32 8.18
C SER B 61 -38.49 -20.03 9.32
N GLN B 62 -38.72 -21.33 9.47
CA GLN B 62 -38.10 -22.01 10.61
C GLN B 62 -36.58 -21.92 10.56
N LYS B 63 -36.01 -21.70 9.37
CA LYS B 63 -34.57 -21.50 9.23
C LYS B 63 -34.08 -20.30 10.02
N PHE B 64 -34.95 -19.31 10.23
CA PHE B 64 -34.54 -18.06 10.83
C PHE B 64 -35.16 -17.80 12.17
N GLN B 65 -35.94 -18.74 12.69
CA GLN B 65 -36.80 -18.44 13.82
C GLN B 65 -35.98 -18.03 15.03
N ASP B 66 -34.80 -18.63 15.22
CA ASP B 66 -33.96 -18.33 16.36
C ASP B 66 -33.23 -16.99 16.27
N ARG B 67 -33.14 -16.33 15.11
CA ARG B 67 -32.30 -15.14 15.10
C ARG B 67 -32.84 -13.99 14.27
N LEU B 68 -34.13 -14.01 13.97
CA LEU B 68 -34.72 -12.99 13.12
C LEU B 68 -35.92 -12.41 13.82
N THR B 69 -36.04 -11.08 13.79
CA THR B 69 -37.27 -10.46 14.25
C THR B 69 -37.62 -9.43 13.21
N ILE B 70 -38.91 -9.37 12.90
CA ILE B 70 -39.48 -8.38 11.99
C ILE B 70 -40.45 -7.55 12.83
N THR B 71 -40.36 -6.23 12.72
CA THR B 71 -41.15 -5.33 13.54
C THR B 71 -41.66 -4.24 12.61
N ARG B 72 -42.74 -3.57 13.03
CA ARG B 72 -43.21 -2.44 12.27
C ARG B 72 -43.51 -1.28 13.21
N ASP B 73 -43.51 -0.09 12.62
CA ASP B 73 -43.87 1.17 13.24
C ASP B 73 -44.86 1.86 12.32
N THR B 74 -46.13 1.85 12.71
CA THR B 74 -47.19 2.37 11.84
CA THR B 74 -47.17 2.37 11.81
C THR B 74 -47.05 3.88 11.65
N PHE B 75 -46.78 4.61 12.74
CA PHE B 75 -46.68 6.05 12.58
C PHE B 75 -45.54 6.43 11.63
N ALA B 76 -44.47 5.65 11.59
CA ALA B 76 -43.38 5.90 10.65
C ALA B 76 -43.57 5.15 9.33
N SER B 77 -44.67 4.42 9.16
CA SER B 77 -44.87 3.54 7.99
C SER B 77 -43.60 2.77 7.63
N THR B 78 -42.95 2.19 8.62
CA THR B 78 -41.66 1.54 8.41
C THR B 78 -41.70 0.12 8.94
N VAL B 79 -41.06 -0.80 8.22
CA VAL B 79 -40.83 -2.14 8.72
C VAL B 79 -39.33 -2.34 8.90
N TYR B 80 -38.97 -3.16 9.88
CA TYR B 80 -37.61 -3.48 10.24
C TYR B 80 -37.39 -4.97 10.21
N MET B 81 -36.19 -5.34 9.81
CA MET B 81 -35.73 -6.71 10.01
CA MET B 81 -35.69 -6.70 9.94
C MET B 81 -34.45 -6.63 10.82
N GLU B 82 -34.37 -7.50 11.80
CA GLU B 82 -33.15 -7.58 12.59
C GLU B 82 -32.67 -9.01 12.58
N LEU B 83 -31.45 -9.24 12.12
CA LEU B 83 -30.92 -10.58 11.98
C LEU B 83 -29.73 -10.67 12.90
N SER B 84 -29.78 -11.57 13.89
CA SER B 84 -28.69 -11.69 14.84
C SER B 84 -27.76 -12.87 14.54
N SER B 85 -26.69 -12.94 15.33
CA SER B 85 -25.68 -13.99 15.22
C SER B 85 -25.29 -14.20 13.76
N LEU B 86 -24.87 -13.11 13.13
CA LEU B 86 -24.54 -13.16 11.71
C LEU B 86 -23.40 -14.11 11.41
N ARG B 87 -23.50 -14.77 10.25
CA ARG B 87 -22.44 -15.66 9.75
C ARG B 87 -22.18 -15.34 8.28
N SER B 88 -21.06 -15.84 7.74
CA SER B 88 -20.67 -15.43 6.39
C SER B 88 -21.77 -15.72 5.37
N GLU B 89 -22.51 -16.81 5.54
CA GLU B 89 -23.62 -17.12 4.64
C GLU B 89 -24.75 -16.09 4.63
N ASP B 90 -24.76 -15.13 5.56
CA ASP B 90 -25.75 -14.05 5.59
C ASP B 90 -25.37 -12.90 4.66
N THR B 91 -24.20 -13.01 4.01
CA THR B 91 -23.78 -12.05 2.97
C THR B 91 -24.72 -12.19 1.76
N THR B 92 -25.60 -11.24 1.59
CA THR B 92 -26.68 -11.35 0.61
C THR B 92 -27.20 -9.95 0.43
N VAL B 93 -28.11 -9.82 -0.51
CA VAL B 93 -28.96 -8.65 -0.56
C VAL B 93 -30.27 -8.98 0.12
N TYR B 94 -30.78 -8.05 0.92
CA TYR B 94 -32.02 -8.21 1.66
C TYR B 94 -33.04 -7.27 1.04
N TYR B 95 -34.26 -7.77 0.79
CA TYR B 95 -35.32 -7.01 0.15
C TYR B 95 -36.53 -7.04 1.05
N CYS B 96 -37.22 -5.93 1.12
CA CYS B 96 -38.57 -5.95 1.64
CA CYS B 96 -38.57 -5.87 1.66
C CYS B 96 -39.56 -5.91 0.48
N ALA B 97 -40.70 -6.58 0.65
CA ALA B 97 -41.70 -6.65 -0.42
C ALA B 97 -43.10 -6.59 0.15
N ARG B 98 -43.96 -5.80 -0.48
CA ARG B 98 -45.33 -5.68 -0.05
C ARG B 98 -46.19 -6.84 -0.53
N ASP B 99 -47.11 -7.29 0.30
CA ASP B 99 -48.08 -8.33 -0.03
C ASP B 99 -49.41 -8.00 0.65
N GLY B 100 -50.40 -8.80 0.42
CA GLY B 100 -51.71 -8.45 0.93
C GLY B 100 -51.95 -8.88 2.37
N PHE B 101 -52.94 -8.20 2.98
CA PHE B 101 -53.47 -8.56 4.29
C PHE B 101 -54.95 -8.87 4.09
N CYS B 102 -55.34 -10.09 4.37
CA CYS B 102 -56.69 -10.57 4.12
C CYS B 102 -57.40 -10.67 5.46
N PRO B 103 -58.61 -10.10 5.57
CA PRO B 103 -59.44 -10.29 6.76
C PRO B 103 -60.38 -11.47 6.71
N SER B 104 -60.50 -12.15 5.57
CA SER B 104 -61.56 -13.12 5.28
C SER B 104 -61.05 -14.54 5.44
N ASN B 105 -61.95 -15.51 5.28
CA ASN B 105 -61.59 -16.91 5.27
C ASN B 105 -61.18 -17.40 3.87
N THR B 106 -61.54 -16.66 2.82
CA THR B 106 -61.09 -16.98 1.48
C THR B 106 -60.34 -15.78 0.92
N CYS B 107 -59.18 -16.01 0.32
CA CYS B 107 -58.31 -14.86 0.04
C CYS B 107 -57.75 -14.85 -1.36
N SER B 108 -58.44 -15.37 -2.36
CA SER B 108 -58.02 -15.12 -3.74
C SER B 108 -57.88 -13.61 -3.99
N GLY B 109 -56.91 -13.24 -4.84
CA GLY B 109 -56.63 -11.86 -5.18
C GLY B 109 -55.84 -11.06 -4.18
N TYR B 110 -55.44 -11.63 -3.07
CA TYR B 110 -54.69 -10.83 -2.09
C TYR B 110 -53.20 -10.95 -2.20
N TYR B 111 -52.69 -12.07 -2.66
CA TYR B 111 -51.27 -12.37 -2.46
C TYR B 111 -50.49 -12.27 -3.76
N GLY B 112 -49.20 -11.96 -3.61
CA GLY B 112 -48.32 -11.67 -4.75
C GLY B 112 -47.49 -10.49 -4.34
N MET B 113 -46.16 -10.62 -4.36
CA MET B 113 -45.32 -9.53 -3.87
C MET B 113 -45.16 -8.49 -4.96
N ASP B 114 -45.96 -7.43 -4.88
CA ASP B 114 -46.13 -6.58 -6.03
C ASP B 114 -45.24 -5.35 -6.02
N VAL B 115 -44.73 -4.96 -4.86
CA VAL B 115 -43.88 -3.77 -4.68
C VAL B 115 -42.66 -4.21 -3.89
N TRP B 116 -41.49 -3.87 -4.38
CA TRP B 116 -40.23 -4.30 -3.75
C TRP B 116 -39.34 -3.12 -3.38
N GLY B 117 -38.65 -3.23 -2.28
CA GLY B 117 -37.60 -2.24 -1.97
C GLY B 117 -36.45 -2.42 -2.95
N GLN B 118 -35.48 -1.51 -2.84
CA GLN B 118 -34.35 -1.58 -3.76
C GLN B 118 -33.27 -2.55 -3.30
N GLY B 119 -33.39 -3.12 -2.12
CA GLY B 119 -32.38 -4.07 -1.67
C GLY B 119 -31.35 -3.38 -0.78
N THR B 120 -30.85 -4.12 0.19
CA THR B 120 -29.77 -3.66 1.07
C THR B 120 -28.71 -4.74 1.04
N THR B 121 -27.48 -4.36 0.70
CA THR B 121 -26.41 -5.33 0.73
C THR B 121 -25.85 -5.42 2.13
N VAL B 122 -25.74 -6.63 2.66
CA VAL B 122 -25.04 -6.89 3.92
C VAL B 122 -23.89 -7.84 3.63
N THR B 123 -22.67 -7.45 4.05
CA THR B 123 -21.48 -8.27 3.96
C THR B 123 -21.11 -8.68 5.36
N VAL B 124 -20.98 -9.98 5.59
CA VAL B 124 -20.49 -10.51 6.86
C VAL B 124 -19.13 -11.15 6.63
N SER B 125 -18.10 -10.60 7.28
CA SER B 125 -16.77 -11.15 7.10
C SER B 125 -15.97 -10.93 8.36
N SER B 126 -15.02 -11.85 8.63
CA SER B 126 -14.10 -11.59 9.73
C SER B 126 -13.02 -10.56 9.41
N ALA B 127 -12.91 -10.10 8.15
CA ALA B 127 -11.83 -9.21 7.75
C ALA B 127 -12.01 -7.82 8.38
N SER B 128 -10.89 -7.14 8.59
CA SER B 128 -10.92 -5.73 8.99
C SER B 128 -10.66 -4.86 7.78
N THR B 129 -11.14 -3.61 7.84
CA THR B 129 -10.86 -2.64 6.78
C THR B 129 -9.37 -2.57 6.46
N LYS B 130 -9.04 -2.63 5.18
CA LYS B 130 -7.65 -2.52 4.78
C LYS B 130 -7.54 -1.97 3.38
N GLY B 131 -6.62 -1.03 3.17
CA GLY B 131 -6.45 -0.47 1.84
C GLY B 131 -5.57 -1.38 1.02
N PRO B 132 -5.58 -1.20 -0.30
CA PRO B 132 -4.84 -2.12 -1.18
C PRO B 132 -3.41 -1.75 -1.32
N SER B 133 -2.61 -2.77 -1.65
CA SER B 133 -1.33 -2.56 -2.31
C SER B 133 -1.55 -2.47 -3.82
N VAL B 134 -0.82 -1.60 -4.49
CA VAL B 134 -0.99 -1.42 -5.91
C VAL B 134 0.31 -1.77 -6.62
N PHE B 135 0.22 -2.71 -7.57
CA PHE B 135 1.41 -3.16 -8.24
C PHE B 135 1.30 -2.87 -9.72
N PRO B 136 2.36 -2.43 -10.36
CA PRO B 136 2.29 -2.15 -11.80
C PRO B 136 2.29 -3.46 -12.58
N LEU B 137 1.45 -3.54 -13.65
CA LEU B 137 1.50 -4.69 -14.56
C LEU B 137 2.12 -4.16 -15.85
N ALA B 138 3.43 -4.35 -15.99
CA ALA B 138 4.17 -3.65 -17.01
C ALA B 138 3.84 -4.21 -18.39
N PRO B 139 3.93 -3.41 -19.44
CA PRO B 139 3.75 -3.91 -20.82
C PRO B 139 4.78 -4.94 -21.33
N GLY B 146 4.30 -2.27 -35.19
CA GLY B 146 3.05 -1.62 -34.81
C GLY B 146 2.22 -2.46 -33.87
N GLY B 147 0.97 -2.04 -33.65
CA GLY B 147 0.04 -2.79 -32.84
C GLY B 147 -0.21 -2.12 -31.50
N THR B 148 -0.89 -2.85 -30.63
CA THR B 148 -1.27 -2.34 -29.33
C THR B 148 -0.62 -3.19 -28.26
N ALA B 149 -0.35 -2.55 -27.12
CA ALA B 149 0.20 -3.20 -25.94
C ALA B 149 -0.76 -3.02 -24.76
N ALA B 150 -0.72 -3.98 -23.83
CA ALA B 150 -1.58 -3.96 -22.65
C ALA B 150 -0.74 -3.73 -21.41
N LEU B 151 -1.17 -2.81 -20.58
CA LEU B 151 -0.51 -2.58 -19.31
C LEU B 151 -1.56 -2.37 -18.27
N GLY B 152 -1.17 -2.47 -17.01
CA GLY B 152 -2.24 -2.40 -16.03
C GLY B 152 -1.76 -2.15 -14.61
N CYS B 153 -2.71 -2.23 -13.69
N CYS B 153 -2.72 -2.20 -13.71
CA CYS B 153 -2.32 -2.21 -12.29
CA CYS B 153 -2.43 -2.19 -12.30
C CYS B 153 -3.19 -3.16 -11.49
C CYS B 153 -3.16 -3.35 -11.64
N LEU B 154 -2.51 -3.94 -10.65
CA LEU B 154 -3.11 -4.96 -9.82
C LEU B 154 -3.36 -4.31 -8.45
N VAL B 155 -4.60 -4.31 -8.02
CA VAL B 155 -5.05 -3.65 -6.82
C VAL B 155 -5.33 -4.77 -5.82
N LYS B 156 -4.40 -5.01 -4.90
CA LYS B 156 -4.31 -6.28 -4.20
C LYS B 156 -4.67 -6.13 -2.72
N ASP B 157 -5.47 -7.06 -2.23
CA ASP B 157 -5.62 -7.30 -0.78
C ASP B 157 -6.29 -6.17 -0.03
N TYR B 158 -7.49 -5.83 -0.43
CA TYR B 158 -8.24 -4.78 0.25
C TYR B 158 -9.57 -5.32 0.76
N PHE B 159 -10.15 -4.57 1.65
CA PHE B 159 -11.42 -4.86 2.25
C PHE B 159 -11.97 -3.60 2.84
N PRO B 160 -13.30 -3.36 2.75
CA PRO B 160 -14.29 -4.06 1.93
C PRO B 160 -14.35 -3.49 0.50
N GLU B 161 -15.25 -4.02 -0.37
CA GLU B 161 -15.47 -3.34 -1.63
C GLU B 161 -16.12 -1.99 -1.36
N PRO B 162 -16.02 -1.04 -2.29
CA PRO B 162 -15.35 -1.09 -3.59
C PRO B 162 -14.07 -0.29 -3.62
N VAL B 163 -13.39 -0.42 -4.75
CA VAL B 163 -12.29 0.45 -5.08
C VAL B 163 -12.67 1.11 -6.40
N THR B 164 -12.14 2.29 -6.65
CA THR B 164 -12.27 2.84 -7.99
C THR B 164 -10.87 2.98 -8.59
N VAL B 165 -10.78 2.77 -9.89
CA VAL B 165 -9.54 2.98 -10.61
C VAL B 165 -9.82 3.93 -11.75
N SER B 166 -8.95 4.91 -11.93
CA SER B 166 -8.89 5.68 -13.16
C SER B 166 -7.46 5.64 -13.65
N TRP B 167 -7.27 6.15 -14.86
CA TRP B 167 -5.96 6.25 -15.50
C TRP B 167 -5.69 7.70 -15.87
N ASN B 168 -4.50 8.17 -15.56
CA ASN B 168 -4.10 9.55 -15.86
C ASN B 168 -5.14 10.58 -15.38
N SER B 169 -5.66 10.33 -14.17
CA SER B 169 -6.62 11.20 -13.46
C SER B 169 -7.91 11.39 -14.26
N GLY B 170 -8.32 10.33 -14.93
CA GLY B 170 -9.50 10.33 -15.74
C GLY B 170 -9.29 10.76 -17.19
N ALA B 171 -8.08 11.18 -17.56
CA ALA B 171 -7.83 11.68 -18.91
C ALA B 171 -7.81 10.55 -19.92
N LEU B 172 -7.47 9.36 -19.48
CA LEU B 172 -7.41 8.18 -20.33
C LEU B 172 -8.61 7.30 -20.01
N THR B 173 -9.51 7.14 -20.99
CA THR B 173 -10.75 6.38 -20.82
C THR B 173 -10.90 5.33 -21.92
N SER B 174 -10.35 5.61 -23.09
CA SER B 174 -10.40 4.67 -24.20
C SER B 174 -9.53 3.45 -23.93
N GLY B 175 -10.07 2.26 -24.20
CA GLY B 175 -9.30 1.05 -23.97
C GLY B 175 -9.09 0.64 -22.53
N VAL B 176 -9.76 1.28 -21.57
CA VAL B 176 -9.64 0.91 -20.17
C VAL B 176 -10.64 -0.18 -19.86
N HIS B 177 -10.20 -1.22 -19.15
CA HIS B 177 -11.08 -2.29 -18.69
C HIS B 177 -10.73 -2.62 -17.26
N THR B 178 -11.62 -2.28 -16.32
CA THR B 178 -11.42 -2.64 -14.94
C THR B 178 -12.27 -3.87 -14.64
N PHE B 179 -11.62 -4.93 -14.15
CA PHE B 179 -12.28 -6.21 -13.97
C PHE B 179 -12.88 -6.32 -12.56
N PRO B 180 -13.98 -7.02 -12.45
CA PRO B 180 -14.56 -7.32 -11.13
C PRO B 180 -13.57 -8.06 -10.26
N ALA B 181 -13.69 -7.86 -8.97
CA ALA B 181 -12.70 -8.35 -8.02
C ALA B 181 -12.89 -9.83 -7.76
N VAL B 182 -11.79 -10.47 -7.43
CA VAL B 182 -11.80 -11.80 -6.86
C VAL B 182 -11.80 -11.67 -5.33
N LEU B 183 -12.50 -12.57 -4.63
CA LEU B 183 -12.38 -12.63 -3.17
C LEU B 183 -11.50 -13.81 -2.81
N GLN B 184 -10.34 -13.54 -2.18
CA GLN B 184 -9.44 -14.60 -1.78
C GLN B 184 -9.89 -15.26 -0.46
N SER B 185 -9.28 -16.41 -0.15
CA SER B 185 -9.62 -17.14 1.08
C SER B 185 -9.20 -16.39 2.33
N SER B 186 -8.30 -15.40 2.20
CA SER B 186 -7.93 -14.49 3.29
C SER B 186 -9.06 -13.56 3.70
N GLY B 187 -10.14 -13.52 2.91
CA GLY B 187 -11.17 -12.54 3.08
C GLY B 187 -10.93 -11.23 2.35
N LEU B 188 -9.77 -11.09 1.68
CA LEU B 188 -9.46 -9.83 1.04
C LEU B 188 -9.72 -9.91 -0.46
N TYR B 189 -10.02 -8.77 -1.03
CA TYR B 189 -10.32 -8.65 -2.45
C TYR B 189 -9.11 -8.22 -3.24
N SER B 190 -9.09 -8.63 -4.51
CA SER B 190 -8.13 -8.09 -5.45
CA SER B 190 -8.13 -8.07 -5.45
C SER B 190 -8.82 -7.85 -6.78
N LEU B 191 -8.34 -6.86 -7.52
CA LEU B 191 -8.87 -6.67 -8.86
C LEU B 191 -7.73 -6.14 -9.71
N SER B 192 -7.95 -6.16 -11.04
CA SER B 192 -7.00 -5.62 -12.01
C SER B 192 -7.72 -4.65 -12.93
N SER B 193 -6.98 -3.63 -13.37
CA SER B 193 -7.44 -2.68 -14.36
C SER B 193 -6.37 -2.68 -15.44
N VAL B 194 -6.79 -2.88 -16.70
CA VAL B 194 -5.84 -2.89 -17.80
C VAL B 194 -6.26 -1.87 -18.84
N VAL B 195 -5.27 -1.25 -19.46
CA VAL B 195 -5.54 -0.36 -20.57
C VAL B 195 -4.71 -0.83 -21.76
N THR B 196 -5.36 -0.88 -22.91
CA THR B 196 -4.70 -1.20 -24.16
C THR B 196 -4.35 0.11 -24.86
N VAL B 197 -3.10 0.21 -25.32
CA VAL B 197 -2.57 1.48 -25.83
C VAL B 197 -1.72 1.18 -27.06
N PRO B 198 -1.47 2.20 -27.88
CA PRO B 198 -0.51 2.00 -28.97
C PRO B 198 0.87 1.67 -28.42
N SER B 199 1.44 0.57 -28.95
CA SER B 199 2.80 0.19 -28.56
C SER B 199 3.80 1.31 -28.77
N SER B 200 3.63 2.11 -29.83
CA SER B 200 4.60 3.17 -30.14
C SER B 200 4.64 4.27 -29.08
N SER B 201 3.62 4.37 -28.23
CA SER B 201 3.57 5.39 -27.19
C SER B 201 4.32 5.00 -25.92
N LEU B 202 4.70 3.72 -25.79
CA LEU B 202 5.42 3.30 -24.59
C LEU B 202 6.81 3.93 -24.58
N GLY B 203 7.19 4.51 -23.45
CA GLY B 203 8.46 5.20 -23.33
C GLY B 203 8.41 6.68 -23.68
N THR B 204 7.32 7.14 -24.31
CA THR B 204 7.01 8.56 -24.42
C THR B 204 5.86 8.98 -23.52
N GLN B 205 4.69 8.35 -23.66
CA GLN B 205 3.51 8.74 -22.90
C GLN B 205 3.49 8.09 -21.52
N THR B 206 3.19 8.87 -20.49
CA THR B 206 3.17 8.36 -19.12
C THR B 206 1.80 7.79 -18.76
N TYR B 207 1.79 6.65 -18.07
CA TYR B 207 0.56 5.98 -17.69
C TYR B 207 0.54 5.81 -16.18
N ILE B 208 -0.46 6.38 -15.53
CA ILE B 208 -0.55 6.34 -14.08
C ILE B 208 -1.91 5.81 -13.72
N CYS B 209 -1.92 4.79 -12.85
N CYS B 209 -1.95 4.75 -12.92
CA CYS B 209 -3.15 4.19 -12.34
CA CYS B 209 -3.24 4.35 -12.41
C CYS B 209 -3.51 4.89 -11.02
C CYS B 209 -3.50 5.05 -11.09
N ASN B 210 -4.74 5.46 -10.93
CA ASN B 210 -5.22 6.18 -9.74
C ASN B 210 -6.22 5.30 -9.03
N VAL B 211 -5.89 4.90 -7.80
CA VAL B 211 -6.69 3.95 -7.05
C VAL B 211 -7.26 4.67 -5.83
N ASN B 212 -8.57 4.57 -5.63
CA ASN B 212 -9.21 5.17 -4.46
C ASN B 212 -9.96 4.09 -3.72
N HIS B 213 -9.64 3.87 -2.45
CA HIS B 213 -10.40 2.95 -1.59
C HIS B 213 -10.99 3.75 -0.45
N LYS B 214 -12.23 4.22 -0.60
CA LYS B 214 -12.77 5.16 0.38
C LYS B 214 -13.04 4.53 1.75
N PRO B 215 -13.36 3.22 1.88
CA PRO B 215 -13.53 2.68 3.25
C PRO B 215 -12.27 2.75 4.12
N SER B 216 -11.06 2.67 3.54
CA SER B 216 -9.81 2.82 4.28
C SER B 216 -9.21 4.22 4.15
N ASN B 217 -9.89 5.14 3.45
CA ASN B 217 -9.39 6.49 3.19
C ASN B 217 -7.98 6.46 2.61
N THR B 218 -7.78 5.55 1.63
CA THR B 218 -6.52 5.34 0.94
C THR B 218 -6.66 5.78 -0.50
N LYS B 219 -5.74 6.61 -0.95
CA LYS B 219 -5.60 6.95 -2.36
C LYS B 219 -4.18 6.63 -2.82
N VAL B 220 -4.02 5.95 -3.98
CA VAL B 220 -2.68 5.59 -4.47
C VAL B 220 -2.55 5.96 -5.93
N ASP B 221 -1.43 6.56 -6.29
CA ASP B 221 -1.10 6.77 -7.69
C ASP B 221 0.17 5.99 -8.00
N LYS B 222 0.15 5.21 -9.08
CA LYS B 222 1.28 4.36 -9.44
C LYS B 222 1.55 4.49 -10.94
N LYS B 223 2.76 4.92 -11.28
CA LYS B 223 3.21 4.92 -12.68
C LYS B 223 3.50 3.51 -13.16
N VAL B 224 2.97 3.19 -14.34
CA VAL B 224 3.19 1.86 -14.96
C VAL B 224 4.08 2.06 -16.16
N GLU B 225 5.22 1.37 -16.20
CA GLU B 225 6.22 1.61 -17.23
C GLU B 225 6.78 0.30 -17.70
N PRO B 226 7.34 0.24 -18.91
CA PRO B 226 8.08 -0.95 -19.32
C PRO B 226 9.25 -1.19 -18.38
N LYS B 227 9.61 -2.46 -18.23
CA LYS B 227 10.58 -2.89 -17.24
C LYS B 227 12.01 -2.64 -17.72
N SER C 2 41.91 4.93 11.67
CA SER C 2 42.45 6.10 10.99
C SER C 2 43.91 6.32 11.38
N ALA C 3 44.76 6.60 10.40
CA ALA C 3 46.17 6.76 10.74
C ALA C 3 46.45 8.04 11.54
N LEU C 4 45.50 9.00 11.61
CA LEU C 4 45.63 10.14 12.51
C LEU C 4 44.63 10.04 13.66
N THR C 5 45.10 10.36 14.87
CA THR C 5 44.32 10.18 16.07
C THR C 5 43.85 11.54 16.57
N GLN C 6 42.54 11.69 16.69
CA GLN C 6 41.86 12.83 17.29
C GLN C 6 41.02 12.40 18.48
N PRO C 7 40.76 13.31 19.42
CA PRO C 7 39.79 12.98 20.47
C PRO C 7 38.39 12.88 19.88
N ALA C 8 37.60 12.01 20.47
CA ALA C 8 36.24 11.82 19.96
C ALA C 8 35.40 13.08 20.11
N SER C 9 35.67 13.87 21.14
CA SER C 9 34.74 14.87 21.59
C SER C 9 35.50 16.00 22.28
N VAL C 10 35.13 17.24 21.97
CA VAL C 10 35.64 18.39 22.73
C VAL C 10 34.45 19.30 23.00
N SER C 11 34.48 20.05 24.10
CA SER C 11 33.36 20.94 24.36
C SER C 11 33.85 22.22 25.00
N GLY C 12 33.08 23.29 24.84
CA GLY C 12 33.42 24.53 25.50
C GLY C 12 32.20 25.42 25.50
N SER C 13 32.23 26.47 26.33
CA SER C 13 31.08 27.38 26.45
C SER C 13 31.18 28.49 25.40
N PRO C 14 30.08 29.15 25.10
CA PRO C 14 30.14 30.26 24.15
C PRO C 14 31.17 31.30 24.58
N GLY C 15 31.93 31.77 23.60
CA GLY C 15 32.90 32.83 23.87
C GLY C 15 34.25 32.29 24.29
N GLN C 16 34.34 31.02 24.59
CA GLN C 16 35.57 30.41 25.08
C GLN C 16 36.37 29.80 23.93
N SER C 17 37.56 29.28 24.23
CA SER C 17 38.42 28.67 23.21
C SER C 17 38.55 27.19 23.48
N ILE C 18 38.61 26.39 22.39
CA ILE C 18 38.87 24.96 22.50
C ILE C 18 40.02 24.62 21.56
N THR C 19 40.67 23.48 21.82
CA THR C 19 41.73 23.01 20.92
C THR C 19 41.44 21.54 20.64
N ILE C 20 41.63 21.14 19.39
CA ILE C 20 41.49 19.76 18.92
C ILE C 20 42.88 19.31 18.44
N SER C 21 43.39 18.21 19.01
CA SER C 21 44.65 17.66 18.55
C SER C 21 44.49 16.56 17.49
N CYS C 22 45.59 16.33 16.78
CA CYS C 22 45.61 15.40 15.66
C CYS C 22 47.02 14.83 15.64
N THR C 23 47.17 13.62 16.14
CA THR C 23 48.49 12.98 16.28
CA THR C 23 48.48 12.99 16.26
C THR C 23 48.68 11.94 15.20
N GLY C 24 49.77 12.07 14.43
CA GLY C 24 50.19 11.08 13.47
C GLY C 24 51.55 10.51 13.81
N THR C 25 52.34 10.29 12.77
CA THR C 25 53.71 9.79 12.95
C THR C 25 54.69 10.67 12.19
N SER C 26 55.99 10.33 12.31
N SER C 26 55.99 10.32 12.30
CA SER C 26 56.99 11.14 11.61
CA SER C 26 57.05 11.08 11.63
C SER C 26 56.79 11.10 10.11
C SER C 26 57.05 10.89 10.12
N SER C 27 56.16 10.06 9.57
CA SER C 27 56.03 9.92 8.13
C SER C 27 54.78 10.60 7.58
N ASP C 28 54.03 11.30 8.43
CA ASP C 28 52.97 12.13 7.84
C ASP C 28 53.01 13.49 8.49
N VAL C 29 52.34 13.66 9.64
CA VAL C 29 52.28 14.97 10.27
C VAL C 29 53.70 15.50 10.47
N GLY C 30 54.62 14.65 10.91
CA GLY C 30 55.97 15.06 11.21
C GLY C 30 56.88 15.36 10.01
N SER C 31 56.50 14.95 8.80
CA SER C 31 57.37 15.14 7.64
C SER C 31 57.00 16.32 6.77
N TYR C 32 55.73 16.71 6.76
CA TYR C 32 55.27 17.62 5.72
C TYR C 32 54.46 18.75 6.31
N ASN C 33 54.41 19.86 5.57
CA ASN C 33 53.61 21.00 5.93
C ASN C 33 52.21 20.93 5.32
N TYR C 34 51.73 19.73 5.00
CA TYR C 34 50.43 19.59 4.34
C TYR C 34 49.43 18.96 5.30
N VAL C 35 49.15 19.69 6.37
CA VAL C 35 48.09 19.34 7.31
C VAL C 35 46.93 20.26 7.01
N SER C 36 45.76 19.69 6.82
CA SER C 36 44.55 20.46 6.62
C SER C 36 43.49 20.09 7.66
N TRP C 37 42.58 21.02 7.91
CA TRP C 37 41.47 20.78 8.79
C TRP C 37 40.18 21.07 8.06
N TYR C 38 39.18 20.23 8.33
CA TYR C 38 37.85 20.28 7.70
C TYR C 38 36.76 20.34 8.76
N GLN C 39 35.74 21.13 8.48
CA GLN C 39 34.55 21.21 9.35
C GLN C 39 33.39 20.55 8.62
N GLN C 40 32.59 19.70 9.32
CA GLN C 40 31.49 19.05 8.64
C GLN C 40 30.24 19.15 9.50
N HIS C 41 29.18 19.76 8.93
CA HIS C 41 27.89 19.77 9.59
C HIS C 41 27.06 18.57 9.15
N PRO C 42 26.05 18.20 9.90
CA PRO C 42 25.24 17.02 9.54
C PRO C 42 24.65 17.14 8.15
N GLY C 43 24.78 16.08 7.35
CA GLY C 43 24.24 15.97 6.02
C GLY C 43 24.91 16.81 4.94
N LYS C 44 26.00 17.46 5.24
CA LYS C 44 26.70 18.34 4.30
C LYS C 44 28.09 17.81 4.00
N ALA C 45 28.67 18.27 2.89
CA ALA C 45 30.06 17.99 2.61
C ALA C 45 30.98 18.77 3.54
N PRO C 46 32.18 18.24 3.80
CA PRO C 46 33.14 18.98 4.63
C PRO C 46 33.55 20.25 3.96
N LYS C 47 34.01 21.19 4.77
CA LYS C 47 34.52 22.49 4.32
C LYS C 47 35.95 22.62 4.81
N LEU C 48 36.86 23.03 3.91
CA LEU C 48 38.25 23.30 4.31
C LEU C 48 38.31 24.56 5.18
N MET C 49 38.89 24.41 6.36
CA MET C 49 39.09 25.49 7.31
C MET C 49 40.52 25.97 7.40
N ILE C 50 41.48 25.05 7.28
CA ILE C 50 42.91 25.31 7.38
C ILE C 50 43.61 24.39 6.40
N TYR C 51 44.61 24.92 5.69
CA TYR C 51 45.55 24.08 4.93
C TYR C 51 46.96 24.53 5.17
N ASP C 52 47.89 23.68 4.74
CA ASP C 52 49.32 24.01 4.88
C ASP C 52 49.63 24.33 6.35
N VAL C 53 49.09 23.51 7.24
CA VAL C 53 49.26 23.60 8.70
C VAL C 53 48.52 24.76 9.33
N ASN C 54 48.60 25.97 8.74
CA ASN C 54 48.16 27.15 9.48
C ASN C 54 47.54 28.23 8.62
N THR C 55 47.18 27.93 7.38
CA THR C 55 46.71 28.96 6.45
C THR C 55 45.20 28.85 6.37
N ARG C 56 44.52 29.98 6.53
CA ARG C 56 43.05 29.98 6.39
C ARG C 56 42.67 30.31 4.94
N PRO C 57 41.78 29.53 4.32
CA PRO C 57 41.17 29.97 3.06
C PRO C 57 40.41 31.27 3.23
N SER C 58 40.20 31.97 2.13
CA SER C 58 39.32 33.13 2.12
C SER C 58 37.94 32.77 2.70
N GLY C 59 37.44 33.65 3.56
CA GLY C 59 36.13 33.52 4.15
C GLY C 59 36.12 32.86 5.50
N VAL C 60 37.21 32.21 5.85
CA VAL C 60 37.27 31.53 7.14
C VAL C 60 37.72 32.54 8.19
N SER C 61 37.03 32.59 9.35
CA SER C 61 37.42 33.69 10.22
C SER C 61 38.66 33.36 11.03
N ILE C 62 39.24 34.42 11.61
CA ILE C 62 40.48 34.34 12.36
C ILE C 62 40.23 33.64 13.69
N ARG C 63 38.97 33.29 14.01
CA ARG C 63 38.73 32.47 15.18
C ARG C 63 39.30 31.08 15.03
N PHE C 64 39.57 30.63 13.81
CA PHE C 64 40.20 29.33 13.56
C PHE C 64 41.66 29.52 13.30
N SER C 65 42.51 28.81 14.03
CA SER C 65 43.93 28.90 13.77
C SER C 65 44.49 27.53 14.06
N ALA C 66 45.66 27.20 13.48
CA ALA C 66 46.16 25.86 13.73
C ALA C 66 47.67 25.89 13.65
N SER C 67 48.29 24.83 14.20
CA SER C 67 49.75 24.78 14.22
C SER C 67 50.13 23.31 14.30
N LYS C 68 51.43 23.05 14.37
CA LYS C 68 51.83 21.69 14.62
C LYS C 68 53.16 21.71 15.34
N SER C 69 53.41 20.65 16.10
CA SER C 69 54.66 20.46 16.84
C SER C 69 54.97 18.98 16.78
N GLY C 70 56.14 18.63 16.27
CA GLY C 70 56.44 17.21 16.18
C GLY C 70 55.42 16.52 15.31
N ASN C 71 54.89 15.40 15.81
CA ASN C 71 53.91 14.63 15.06
C ASN C 71 52.48 14.99 15.42
N THR C 72 52.25 16.12 16.10
CA THR C 72 50.89 16.49 16.46
C THR C 72 50.51 17.86 15.92
N ALA C 73 49.34 17.91 15.28
CA ALA C 73 48.71 19.13 14.80
C ALA C 73 47.59 19.51 15.75
N SER C 74 47.32 20.81 15.85
CA SER C 74 46.30 21.30 16.76
C SER C 74 45.53 22.42 16.10
N LEU C 75 44.23 22.30 16.15
CA LEU C 75 43.33 23.34 15.70
C LEU C 75 42.73 24.02 16.93
N THR C 76 42.86 25.35 17.00
CA THR C 76 42.23 26.12 18.09
C THR C 76 41.07 26.93 17.53
N VAL C 77 39.91 26.85 18.18
CA VAL C 77 38.76 27.67 17.82
C VAL C 77 38.52 28.61 18.96
N SER C 78 38.60 29.92 18.73
CA SER C 78 38.39 30.87 19.80
C SER C 78 37.01 31.50 19.68
N GLY C 79 36.57 32.18 20.73
CA GLY C 79 35.28 32.87 20.71
C GLY C 79 34.14 31.98 20.24
N LEU C 80 34.04 30.81 20.83
CA LEU C 80 33.12 29.79 20.33
C LEU C 80 31.72 30.35 20.12
N GLN C 81 31.10 29.93 19.01
CA GLN C 81 29.75 30.32 18.60
C GLN C 81 28.98 29.02 18.39
N ALA C 82 27.65 29.14 18.48
CA ALA C 82 26.79 27.95 18.35
C ALA C 82 27.05 27.26 17.03
N GLU C 83 27.26 28.05 15.97
CA GLU C 83 27.47 27.49 14.65
C GLU C 83 28.75 26.65 14.53
N ASP C 84 29.65 26.68 15.51
CA ASP C 84 30.88 25.89 15.48
C ASP C 84 30.63 24.43 15.79
N GLU C 85 29.46 24.11 16.35
CA GLU C 85 29.12 22.72 16.60
C GLU C 85 29.12 21.98 15.30
N ALA C 86 29.96 20.95 15.20
CA ALA C 86 30.23 20.25 13.96
C ALA C 86 31.22 19.15 14.25
N VAL C 87 31.53 18.32 13.25
CA VAL C 87 32.63 17.38 13.39
C VAL C 87 33.84 17.92 12.64
N TYR C 88 35.02 17.83 13.23
CA TYR C 88 36.20 18.40 12.61
C TYR C 88 37.14 17.26 12.28
N TYR C 89 37.73 17.31 11.12
CA TYR C 89 38.71 16.32 10.71
C TYR C 89 40.05 16.93 10.34
N CYS C 90 41.11 16.30 10.79
CA CYS C 90 42.42 16.68 10.25
CA CYS C 90 42.44 16.65 10.29
C CYS C 90 42.80 15.70 9.15
N SER C 91 43.69 16.16 8.27
CA SER C 91 44.27 15.33 7.21
C SER C 91 45.73 15.67 7.06
N SER C 92 46.52 14.69 6.60
CA SER C 92 47.94 14.96 6.31
C SER C 92 48.34 14.23 5.03
N TYR C 93 49.33 14.78 4.35
CA TYR C 93 50.03 14.03 3.32
C TYR C 93 50.77 12.92 4.03
N ALA C 94 50.83 11.76 3.40
CA ALA C 94 51.52 10.60 3.98
C ALA C 94 52.64 10.09 3.09
N GLY C 95 53.03 10.86 2.08
CA GLY C 95 54.07 10.43 1.16
C GLY C 95 53.49 9.58 0.04
N SER C 96 54.30 9.35 -0.98
CA SER C 96 53.89 8.46 -2.08
C SER C 96 52.53 8.86 -2.64
N SER C 97 52.27 10.15 -2.71
CA SER C 97 51.05 10.68 -3.33
C SER C 97 49.78 10.21 -2.62
N THR C 98 49.86 9.92 -1.30
CA THR C 98 48.74 9.42 -0.52
C THR C 98 48.41 10.39 0.61
N TRP C 99 47.17 10.34 1.05
CA TRP C 99 46.60 11.25 2.03
C TRP C 99 45.89 10.40 3.07
N VAL C 100 45.82 10.92 4.29
N VAL C 100 45.85 10.93 4.29
CA VAL C 100 45.11 10.21 5.36
CA VAL C 100 45.15 10.28 5.39
C VAL C 100 44.38 11.20 6.25
C VAL C 100 44.27 11.31 6.08
N PHE C 101 43.16 10.82 6.66
CA PHE C 101 42.31 11.58 7.58
C PHE C 101 42.43 11.07 9.02
N GLY C 102 42.09 12.00 9.93
CA GLY C 102 41.81 11.65 11.30
C GLY C 102 40.43 11.08 11.44
N GLY C 103 40.15 10.62 12.65
CA GLY C 103 38.88 9.98 12.89
C GLY C 103 37.75 10.92 13.23
N GLY C 104 38.03 12.22 13.38
CA GLY C 104 36.99 13.21 13.55
C GLY C 104 36.81 13.53 15.02
N THR C 105 36.51 14.78 15.32
CA THR C 105 36.19 15.22 16.67
C THR C 105 34.85 15.92 16.63
N LYS C 106 33.94 15.52 17.52
CA LYS C 106 32.67 16.24 17.63
C LYS C 106 32.82 17.41 18.60
N LEU C 107 32.56 18.60 18.14
CA LEU C 107 32.66 19.79 18.98
C LEU C 107 31.26 20.15 19.48
N THR C 108 31.08 20.18 20.80
CA THR C 108 29.82 20.61 21.42
C THR C 108 30.01 21.95 22.08
N VAL C 109 29.04 22.83 21.86
CA VAL C 109 29.03 24.14 22.51
C VAL C 109 28.10 24.04 23.70
N LEU C 110 28.65 24.22 24.90
CA LEU C 110 27.95 23.93 26.16
C LEU C 110 26.91 25.00 26.46
N GLY C 111 26.00 24.67 27.38
CA GLY C 111 25.06 25.63 27.95
C GLY C 111 23.68 25.70 27.31
N GLN C 112 23.38 24.85 26.30
CA GLN C 112 22.06 24.87 25.69
C GLN C 112 21.05 24.28 26.66
N PRO C 113 19.82 24.72 26.60
CA PRO C 113 18.83 24.34 27.64
C PRO C 113 18.52 22.84 27.60
N LYS C 114 18.54 22.21 28.78
CA LYS C 114 18.09 20.81 28.86
C LYS C 114 16.60 20.73 28.58
N ALA C 115 16.18 19.56 28.08
CA ALA C 115 14.78 19.39 27.70
C ALA C 115 14.42 17.90 27.80
N ALA C 116 13.41 17.60 28.60
CA ALA C 116 12.98 16.22 28.76
C ALA C 116 12.20 15.73 27.53
N PRO C 117 12.33 14.47 27.20
CA PRO C 117 11.65 13.94 26.01
C PRO C 117 10.16 13.85 26.15
N SER C 118 9.51 14.07 25.02
CA SER C 118 8.10 13.73 24.82
C SER C 118 8.07 12.36 24.17
N VAL C 119 7.31 11.41 24.74
CA VAL C 119 7.27 10.05 24.17
C VAL C 119 5.84 9.68 23.80
N THR C 120 5.66 9.14 22.56
CA THR C 120 4.37 8.61 22.15
C THR C 120 4.59 7.20 21.63
N LEU C 121 3.77 6.26 22.09
CA LEU C 121 3.84 4.87 21.67
C LEU C 121 2.56 4.52 20.94
N PHE C 122 2.69 4.06 19.71
CA PHE C 122 1.49 3.65 18.96
C PHE C 122 1.48 2.13 18.88
N PRO C 123 0.34 1.51 19.12
CA PRO C 123 0.16 0.09 18.82
C PRO C 123 0.01 -0.16 17.32
N PRO C 124 0.06 -1.43 16.91
CA PRO C 124 -0.19 -1.73 15.49
C PRO C 124 -1.61 -1.34 15.11
N SER C 125 -1.75 -0.72 13.96
CA SER C 125 -3.04 -0.38 13.41
C SER C 125 -3.81 -1.64 13.02
N SER C 126 -5.15 -1.55 13.07
CA SER C 126 -5.92 -2.70 12.64
C SER C 126 -5.63 -3.03 11.19
N GLU C 127 -5.31 -2.01 10.39
CA GLU C 127 -5.02 -2.28 8.99
C GLU C 127 -3.75 -3.14 8.86
N GLU C 128 -2.71 -2.81 9.64
CA GLU C 128 -1.47 -3.56 9.56
C GLU C 128 -1.68 -4.98 10.08
N LEU C 129 -2.46 -5.16 11.14
CA LEU C 129 -2.75 -6.51 11.61
C LEU C 129 -3.45 -7.34 10.52
N GLN C 130 -4.32 -6.72 9.70
CA GLN C 130 -4.99 -7.44 8.62
C GLN C 130 -4.02 -7.74 7.46
N ALA C 131 -2.89 -7.05 7.43
CA ALA C 131 -1.82 -7.37 6.48
C ALA C 131 -0.89 -8.42 7.05
N ASN C 132 -1.22 -8.94 8.23
CA ASN C 132 -0.49 -10.03 8.86
C ASN C 132 0.88 -9.56 9.35
N LYS C 133 0.93 -8.32 9.83
CA LYS C 133 2.15 -7.72 10.36
C LYS C 133 1.80 -6.91 11.61
N ALA C 134 2.82 -6.60 12.43
CA ALA C 134 2.56 -5.79 13.61
C ALA C 134 3.83 -5.02 13.93
N THR C 135 3.69 -3.71 14.06
CA THR C 135 4.84 -2.85 14.37
C THR C 135 4.42 -1.93 15.50
N LEU C 136 5.14 -1.94 16.61
CA LEU C 136 4.97 -0.91 17.62
CA LEU C 136 4.97 -0.92 17.63
C LEU C 136 5.90 0.25 17.30
N VAL C 137 5.40 1.47 17.43
CA VAL C 137 6.19 2.65 17.04
C VAL C 137 6.34 3.57 18.25
N CYS C 138 7.55 3.78 18.67
CA CYS C 138 7.84 4.64 19.83
C CYS C 138 8.59 5.88 19.31
N LEU C 139 7.93 7.02 19.38
CA LEU C 139 8.44 8.27 18.81
C LEU C 139 8.87 9.20 19.95
N ILE C 140 10.08 9.73 19.86
CA ILE C 140 10.67 10.48 20.98
C ILE C 140 11.11 11.83 20.46
N SER C 141 10.65 12.92 21.06
CA SER C 141 11.04 14.20 20.50
C SER C 141 11.34 15.20 21.60
N ASP C 142 11.87 16.34 21.17
CA ASP C 142 12.02 17.52 22.02
C ASP C 142 12.96 17.29 23.21
N PHE C 143 14.05 16.54 23.03
CA PHE C 143 15.00 16.35 24.13
C PHE C 143 16.37 16.94 23.88
N TYR C 144 17.02 17.32 24.99
CA TYR C 144 18.38 17.84 24.88
C TYR C 144 19.01 17.54 26.24
N PRO C 145 20.21 17.00 26.32
CA PRO C 145 21.12 16.72 25.17
C PRO C 145 20.61 15.52 24.36
N GLY C 146 21.30 15.26 23.27
CA GLY C 146 20.75 14.45 22.19
C GLY C 146 21.12 12.99 22.18
N ALA C 147 20.96 12.34 23.31
CA ALA C 147 21.21 10.92 23.52
C ALA C 147 20.09 10.38 24.38
N VAL C 148 19.45 9.32 23.89
CA VAL C 148 18.51 8.56 24.69
C VAL C 148 18.86 7.10 24.50
N THR C 149 18.41 6.28 25.45
CA THR C 149 18.38 4.85 25.23
CA THR C 149 18.39 4.85 25.26
C THR C 149 16.95 4.34 25.38
N VAL C 150 16.67 3.28 24.65
CA VAL C 150 15.33 2.73 24.56
CA VAL C 150 15.32 2.73 24.56
C VAL C 150 15.36 1.27 24.97
N ALA C 151 14.44 0.87 25.84
CA ALA C 151 14.31 -0.50 26.27
C ALA C 151 12.87 -0.86 26.00
N TRP C 152 12.64 -2.01 25.40
CA TRP C 152 11.26 -2.44 25.20
C TRP C 152 10.92 -3.56 26.17
N LYS C 153 9.64 -3.63 26.57
CA LYS C 153 9.17 -4.67 27.48
C LYS C 153 7.95 -5.34 26.89
N ALA C 154 7.89 -6.68 27.03
CA ALA C 154 6.72 -7.47 26.66
C ALA C 154 6.17 -8.00 27.98
N ASP C 155 5.00 -7.48 28.38
CA ASP C 155 4.58 -7.48 29.77
C ASP C 155 5.67 -6.78 30.57
N SER C 156 6.45 -7.52 31.38
CA SER C 156 7.64 -6.99 32.03
C SER C 156 8.94 -7.53 31.44
N SER C 157 8.87 -8.45 30.46
CA SER C 157 10.04 -9.12 29.91
C SER C 157 10.88 -8.20 29.03
N PRO C 158 12.20 -8.28 29.12
CA PRO C 158 13.04 -7.49 28.22
C PRO C 158 12.90 -8.03 26.80
N VAL C 159 12.95 -7.13 25.84
CA VAL C 159 12.87 -7.53 24.45
C VAL C 159 14.25 -7.36 23.84
N LYS C 160 14.86 -8.47 23.46
CA LYS C 160 16.16 -8.43 22.85
C LYS C 160 16.11 -8.70 21.35
N ALA C 161 14.92 -8.89 20.79
CA ALA C 161 14.74 -9.19 19.36
C ALA C 161 13.77 -8.21 18.69
N GLY C 162 13.93 -8.00 17.39
CA GLY C 162 12.90 -7.25 16.66
C GLY C 162 12.93 -5.75 16.81
N VAL C 163 13.96 -5.17 17.41
CA VAL C 163 14.02 -3.73 17.67
C VAL C 163 14.91 -3.05 16.65
N GLU C 164 14.44 -1.90 16.15
CA GLU C 164 15.24 -1.03 15.28
C GLU C 164 15.11 0.39 15.80
N THR C 165 16.20 1.09 16.06
CA THR C 165 16.14 2.41 16.62
C THR C 165 16.97 3.38 15.80
N THR C 166 16.52 4.62 15.66
CA THR C 166 17.31 5.54 14.84
C THR C 166 18.23 6.34 15.75
N THR C 167 19.31 6.86 15.18
CA THR C 167 20.17 7.74 15.92
C THR C 167 19.51 9.10 16.04
N PRO C 168 19.59 9.76 17.20
CA PRO C 168 18.94 11.06 17.35
C PRO C 168 19.33 12.05 16.25
N SER C 169 18.37 12.90 15.89
CA SER C 169 18.45 13.81 14.76
C SER C 169 17.99 15.16 15.25
N LYS C 170 18.73 16.20 14.92
CA LYS C 170 18.36 17.54 15.32
C LYS C 170 17.06 17.98 14.65
N GLN C 171 16.12 18.48 15.44
CA GLN C 171 14.91 19.13 14.94
C GLN C 171 15.20 20.59 14.56
N SER C 172 14.20 21.24 13.96
CA SER C 172 14.35 22.67 13.65
C SER C 172 14.54 23.50 14.92
N ASN C 173 14.03 23.04 16.04
CA ASN C 173 14.11 23.84 17.26
C ASN C 173 15.36 23.55 18.06
N ASN C 174 16.31 22.80 17.47
CA ASN C 174 17.61 22.49 18.02
C ASN C 174 17.54 21.50 19.15
N LYS C 175 16.38 20.93 19.41
CA LYS C 175 16.31 19.78 20.27
C LYS C 175 16.38 18.56 19.37
N TYR C 176 16.39 17.41 19.98
CA TYR C 176 16.58 16.17 19.23
C TYR C 176 15.34 15.30 19.24
N ALA C 177 15.31 14.42 18.23
CA ALA C 177 14.26 13.42 18.10
C ALA C 177 14.84 12.05 17.73
N ALA C 178 14.14 10.99 18.07
CA ALA C 178 14.57 9.65 17.65
C ALA C 178 13.32 8.77 17.59
N SER C 179 13.46 7.61 16.95
CA SER C 179 12.34 6.68 16.89
C SER C 179 12.84 5.28 17.18
N SER C 180 11.94 4.44 17.70
CA SER C 180 12.26 3.04 17.87
C SER C 180 11.05 2.23 17.44
N TYR C 181 11.30 1.08 16.84
CA TYR C 181 10.29 0.19 16.31
C TYR C 181 10.48 -1.18 16.90
N LEU C 182 9.37 -1.83 17.28
CA LEU C 182 9.39 -3.22 17.66
C LEU C 182 8.51 -3.98 16.68
N SER C 183 9.14 -4.88 15.92
CA SER C 183 8.47 -5.76 14.99
C SER C 183 8.05 -7.05 15.69
N LEU C 184 6.80 -7.43 15.48
CA LEU C 184 6.19 -8.58 16.09
C LEU C 184 5.28 -9.24 15.07
N THR C 185 4.99 -10.51 15.29
CA THR C 185 3.87 -11.09 14.54
C THR C 185 2.57 -10.70 15.22
N PRO C 186 1.45 -10.74 14.51
CA PRO C 186 0.16 -10.51 15.19
C PRO C 186 -0.05 -11.46 16.35
N GLU C 187 0.40 -12.71 16.23
CA GLU C 187 0.22 -13.66 17.33
C GLU C 187 1.00 -13.23 18.57
N GLN C 188 2.24 -12.75 18.39
CA GLN C 188 3.02 -12.22 19.51
C GLN C 188 2.30 -11.05 20.16
N TRP C 189 1.76 -10.16 19.33
CA TRP C 189 1.13 -8.96 19.84
C TRP C 189 -0.08 -9.29 20.70
N LYS C 190 -0.91 -10.22 20.24
CA LYS C 190 -2.08 -10.64 20.99
C LYS C 190 -1.78 -11.51 22.20
N SER C 191 -0.58 -12.11 22.27
CA SER C 191 -0.32 -13.06 23.35
C SER C 191 0.08 -12.35 24.65
N HIS C 192 0.59 -11.14 24.60
CA HIS C 192 0.94 -10.46 25.84
C HIS C 192 -0.15 -9.52 26.29
N ARG C 193 -0.13 -9.18 27.58
CA ARG C 193 -1.13 -8.24 28.09
C ARG C 193 -0.82 -6.81 27.68
N SER C 194 0.47 -6.48 27.55
CA SER C 194 0.84 -5.15 27.13
C SER C 194 2.28 -5.18 26.64
N TYR C 195 2.65 -4.09 25.99
CA TYR C 195 4.03 -3.81 25.60
C TYR C 195 4.38 -2.40 26.02
N SER C 196 5.66 -2.18 26.36
CA SER C 196 6.08 -0.88 26.82
C SER C 196 7.36 -0.46 26.13
N CYS C 197 7.47 0.85 25.88
CA CYS C 197 8.70 1.49 25.43
CA CYS C 197 8.75 1.40 25.47
C CYS C 197 9.23 2.34 26.57
N GLN C 198 10.45 2.07 27.04
CA GLN C 198 11.04 2.83 28.15
C GLN C 198 12.18 3.67 27.61
N VAL C 199 12.10 4.98 27.82
CA VAL C 199 13.08 5.90 27.25
C VAL C 199 13.86 6.52 28.38
N THR C 200 15.18 6.29 28.40
CA THR C 200 16.05 6.89 29.42
C THR C 200 16.80 8.08 28.85
N HIS C 201 16.76 9.19 29.56
CA HIS C 201 17.46 10.41 29.17
C HIS C 201 18.07 11.03 30.41
N GLU C 202 19.41 11.11 30.45
CA GLU C 202 20.11 11.60 31.63
C GLU C 202 19.60 10.90 32.89
N GLY C 203 19.49 9.57 32.81
CA GLY C 203 19.24 8.76 33.97
C GLY C 203 17.80 8.76 34.46
N SER C 204 16.91 9.52 33.84
CA SER C 204 15.49 9.46 34.21
C SER C 204 14.72 8.78 33.09
N THR C 205 13.78 7.93 33.45
CA THR C 205 13.07 7.12 32.48
C THR C 205 11.63 7.51 32.43
N VAL C 206 11.12 7.53 31.21
CA VAL C 206 9.70 7.65 30.93
C VAL C 206 9.27 6.36 30.22
N GLU C 207 8.09 5.89 30.58
CA GLU C 207 7.59 4.63 30.07
C GLU C 207 6.21 4.88 29.49
N LYS C 208 5.98 4.43 28.26
CA LYS C 208 4.65 4.37 27.66
C LYS C 208 4.28 2.92 27.41
N THR C 209 2.99 2.63 27.51
CA THR C 209 2.45 1.28 27.45
CA THR C 209 2.48 1.27 27.42
C THR C 209 1.24 1.24 26.53
N VAL C 210 1.08 0.14 25.82
CA VAL C 210 -0.13 -0.09 25.03
C VAL C 210 -0.51 -1.55 25.11
N ALA C 211 -1.79 -1.82 24.83
CA ALA C 211 -2.43 -3.09 25.04
C ALA C 211 -3.28 -3.45 23.82
N PRO C 212 -3.34 -4.74 23.46
CA PRO C 212 -4.23 -5.16 22.37
C PRO C 212 -5.67 -4.68 22.50
N VAL D 2 32.35 28.16 -9.48
CA VAL D 2 33.16 26.96 -9.21
C VAL D 2 32.31 25.87 -8.56
N GLN D 3 32.21 24.71 -9.21
CA GLN D 3 31.41 23.66 -8.57
C GLN D 3 31.81 22.30 -9.07
N LEU D 4 31.58 21.30 -8.22
CA LEU D 4 31.62 19.90 -8.60
C LEU D 4 30.22 19.31 -8.46
N VAL D 5 29.72 18.66 -9.50
CA VAL D 5 28.37 18.10 -9.47
C VAL D 5 28.45 16.61 -9.77
N GLN D 6 28.03 15.80 -8.80
CA GLN D 6 28.12 14.37 -8.97
C GLN D 6 26.85 13.77 -9.52
N SER D 7 26.98 12.60 -10.11
CA SER D 7 25.81 11.85 -10.52
C SER D 7 24.97 11.41 -9.31
N GLY D 8 23.79 10.87 -9.61
CA GLY D 8 22.74 10.68 -8.63
C GLY D 8 22.89 9.37 -7.90
N ALA D 9 22.02 9.19 -6.90
CA ALA D 9 22.03 7.99 -6.09
C ALA D 9 22.01 6.71 -6.94
N GLU D 10 22.73 5.70 -6.45
CA GLU D 10 22.91 4.42 -7.12
C GLU D 10 22.51 3.27 -6.20
N VAL D 11 21.85 2.26 -6.77
CA VAL D 11 21.60 0.99 -6.09
C VAL D 11 22.27 -0.11 -6.88
N LYS D 12 23.12 -0.90 -6.23
CA LYS D 12 23.86 -1.97 -6.91
C LYS D 12 23.75 -3.26 -6.12
N LYS D 13 23.77 -4.39 -6.83
CA LYS D 13 23.73 -5.63 -6.08
C LYS D 13 25.13 -6.02 -5.60
N PRO D 14 25.22 -6.82 -4.55
CA PRO D 14 26.53 -7.30 -4.11
C PRO D 14 27.24 -8.00 -5.26
N GLY D 15 28.55 -7.79 -5.33
CA GLY D 15 29.31 -8.34 -6.42
C GLY D 15 29.34 -7.47 -7.66
N ALA D 16 28.43 -6.48 -7.78
CA ALA D 16 28.44 -5.65 -8.98
C ALA D 16 29.47 -4.53 -8.81
N SER D 17 29.49 -3.64 -9.80
CA SER D 17 30.35 -2.48 -9.79
C SER D 17 29.49 -1.25 -9.95
N VAL D 18 30.01 -0.15 -9.50
CA VAL D 18 29.33 1.13 -9.57
C VAL D 18 30.30 2.14 -10.17
N LYS D 19 29.79 3.05 -10.98
CA LYS D 19 30.61 4.11 -11.53
C LYS D 19 29.90 5.42 -11.23
N VAL D 20 30.62 6.33 -10.56
CA VAL D 20 30.09 7.63 -10.14
C VAL D 20 30.87 8.70 -10.91
N SER D 21 30.16 9.70 -11.41
CA SER D 21 30.82 10.79 -12.11
C SER D 21 30.76 12.07 -11.29
N CYS D 22 31.70 12.96 -11.60
CA CYS D 22 31.83 14.25 -10.96
C CYS D 22 32.19 15.25 -12.06
N LYS D 23 31.22 16.09 -12.45
CA LYS D 23 31.40 17.10 -13.48
C LYS D 23 31.89 18.40 -12.87
N ALA D 24 33.03 18.87 -13.36
CA ALA D 24 33.67 20.08 -12.86
C ALA D 24 33.29 21.23 -13.75
N SER D 25 32.99 22.38 -13.15
CA SER D 25 32.72 23.55 -13.97
C SER D 25 33.14 24.81 -13.23
N GLY D 26 33.44 25.86 -13.99
CA GLY D 26 33.80 27.14 -13.42
C GLY D 26 35.28 27.38 -13.17
N PHE D 27 36.15 26.47 -13.62
CA PHE D 27 37.58 26.64 -13.41
C PHE D 27 38.29 25.80 -14.47
N THR D 28 39.60 26.02 -14.60
CA THR D 28 40.41 25.31 -15.61
C THR D 28 40.61 23.89 -15.11
N PHE D 29 39.87 22.96 -15.70
CA PHE D 29 39.84 21.57 -15.24
C PHE D 29 41.24 20.99 -15.10
N THR D 30 42.07 21.17 -16.12
CA THR D 30 43.36 20.50 -16.12
C THR D 30 44.40 21.15 -15.22
N ASP D 31 44.05 22.23 -14.51
CA ASP D 31 45.00 22.78 -13.54
C ASP D 31 44.89 22.16 -12.17
N TYR D 32 44.06 21.15 -11.98
CA TYR D 32 43.76 20.62 -10.65
C TYR D 32 43.88 19.11 -10.62
N ALA D 33 43.68 18.58 -9.44
CA ALA D 33 43.50 17.16 -9.22
C ALA D 33 42.20 16.93 -8.49
N MET D 34 41.76 15.68 -8.49
CA MET D 34 40.48 15.34 -7.90
CA MET D 34 40.49 15.37 -7.86
C MET D 34 40.60 14.10 -7.06
N HIS D 35 40.12 14.16 -5.82
CA HIS D 35 40.06 13.02 -4.92
C HIS D 35 38.70 12.38 -4.98
N TRP D 36 38.67 11.11 -4.57
CA TRP D 36 37.43 10.51 -4.11
C TRP D 36 37.62 10.16 -2.65
N VAL D 37 36.58 10.46 -1.86
CA VAL D 37 36.56 10.29 -0.42
C VAL D 37 35.22 9.68 -0.10
N ARG D 38 35.18 8.68 0.77
CA ARG D 38 33.85 8.21 1.15
C ARG D 38 33.61 8.32 2.63
N GLN D 39 32.36 8.14 3.05
CA GLN D 39 31.98 8.28 4.45
C GLN D 39 30.71 7.49 4.75
N ALA D 40 30.79 6.60 5.65
CA ALA D 40 29.63 5.82 6.07
C ALA D 40 28.88 6.63 7.12
N PRO D 41 27.58 6.42 7.25
CA PRO D 41 26.78 7.22 8.18
C PRO D 41 27.38 7.21 9.58
N GLY D 42 27.48 8.41 10.16
CA GLY D 42 28.07 8.56 11.47
C GLY D 42 29.56 8.26 11.60
N GLN D 43 30.25 7.98 10.51
CA GLN D 43 31.66 7.60 10.63
C GLN D 43 32.56 8.61 9.93
N ARG D 44 33.85 8.26 9.88
CA ARG D 44 34.85 9.22 9.42
C ARG D 44 34.97 9.30 7.90
N LEU D 45 35.61 10.37 7.45
CA LEU D 45 36.04 10.47 6.06
C LEU D 45 37.18 9.48 5.81
N GLU D 46 37.12 8.84 4.67
CA GLU D 46 38.12 7.84 4.26
C GLU D 46 38.61 8.18 2.86
N TRP D 47 39.92 8.40 2.74
CA TRP D 47 40.47 8.71 1.43
C TRP D 47 40.58 7.49 0.54
N MET D 48 40.11 7.63 -0.70
CA MET D 48 40.16 6.50 -1.64
C MET D 48 41.26 6.63 -2.66
N GLY D 49 41.42 7.79 -3.25
CA GLY D 49 42.44 7.94 -4.28
C GLY D 49 42.29 9.31 -4.88
N TRP D 50 43.19 9.60 -5.83
CA TRP D 50 43.00 10.80 -6.60
C TRP D 50 43.68 10.68 -7.97
N ILE D 51 43.33 11.63 -8.80
CA ILE D 51 43.85 11.70 -10.16
C ILE D 51 44.20 13.14 -10.51
N ASN D 52 45.24 13.31 -11.34
CA ASN D 52 45.53 14.62 -11.94
C ASN D 52 44.62 14.80 -13.12
N ALA D 53 43.81 15.85 -13.11
CA ALA D 53 42.85 16.08 -14.19
C ALA D 53 43.57 16.25 -15.53
N GLY D 54 44.74 16.85 -15.51
CA GLY D 54 45.40 17.05 -16.79
C GLY D 54 46.07 15.77 -17.28
N ASN D 55 47.04 15.23 -16.52
CA ASN D 55 47.82 14.15 -17.14
C ASN D 55 47.31 12.75 -16.84
N GLY D 56 46.31 12.61 -15.95
CA GLY D 56 45.69 11.32 -15.81
C GLY D 56 46.38 10.38 -14.88
N TYR D 57 47.51 10.78 -14.32
CA TYR D 57 48.14 9.89 -13.34
C TYR D 57 47.28 9.81 -12.06
N THR D 58 47.35 8.65 -11.45
CA THR D 58 46.55 8.37 -10.26
C THR D 58 47.41 7.81 -9.15
N LYS D 59 46.81 7.89 -7.95
CA LYS D 59 47.30 7.08 -6.83
C LYS D 59 46.07 6.69 -6.05
N TYR D 60 46.00 5.41 -5.65
CA TYR D 60 44.92 4.90 -4.81
C TYR D 60 45.43 4.51 -3.44
N SER D 61 44.51 4.55 -2.49
CA SER D 61 44.77 3.99 -1.19
C SER D 61 45.01 2.50 -1.32
N GLN D 62 45.92 1.97 -0.52
CA GLN D 62 46.21 0.54 -0.60
C GLN D 62 44.95 -0.30 -0.33
N LYS D 63 44.02 0.24 0.48
CA LYS D 63 42.79 -0.49 0.80
C LYS D 63 41.85 -0.64 -0.38
N PHE D 64 42.00 0.23 -1.40
CA PHE D 64 41.14 0.17 -2.57
C PHE D 64 41.88 -0.21 -3.84
N GLN D 65 43.20 -0.43 -3.77
CA GLN D 65 43.98 -0.64 -4.99
C GLN D 65 43.41 -1.75 -5.85
N ASP D 66 42.86 -2.78 -5.25
CA ASP D 66 42.49 -3.94 -6.04
C ASP D 66 41.12 -3.85 -6.70
N ARG D 67 40.33 -2.81 -6.41
CA ARG D 67 39.01 -2.77 -7.00
C ARG D 67 38.54 -1.37 -7.30
N LEU D 68 39.44 -0.39 -7.30
CA LEU D 68 39.09 0.99 -7.60
C LEU D 68 39.83 1.49 -8.82
N THR D 69 39.10 2.11 -9.75
CA THR D 69 39.81 2.87 -10.78
C THR D 69 39.23 4.27 -10.82
N ILE D 70 40.11 5.27 -10.97
CA ILE D 70 39.68 6.65 -11.12
C ILE D 70 40.17 7.08 -12.49
N THR D 71 39.30 7.70 -13.25
CA THR D 71 39.62 8.11 -14.61
C THR D 71 39.12 9.52 -14.81
N ARG D 72 39.63 10.16 -15.84
CA ARG D 72 39.13 11.47 -16.20
C ARG D 72 38.91 11.60 -17.71
N ASP D 73 38.02 12.53 -18.03
CA ASP D 73 37.68 12.84 -19.42
C ASP D 73 37.79 14.36 -19.53
N THR D 74 38.85 14.86 -20.15
CA THR D 74 39.00 16.30 -20.19
C THR D 74 37.99 16.95 -21.11
N PHE D 75 37.54 16.26 -22.19
CA PHE D 75 36.48 16.80 -23.04
C PHE D 75 35.21 17.09 -22.25
N ALA D 76 34.86 16.21 -21.31
CA ALA D 76 33.67 16.35 -20.48
C ALA D 76 33.94 17.05 -19.15
N SER D 77 35.19 17.45 -18.90
CA SER D 77 35.58 18.07 -17.63
C SER D 77 35.08 17.23 -16.47
N THR D 78 35.22 15.91 -16.57
CA THR D 78 34.59 15.00 -15.61
C THR D 78 35.60 14.00 -15.09
N VAL D 79 35.43 13.64 -13.84
CA VAL D 79 36.23 12.55 -13.26
C VAL D 79 35.24 11.45 -12.82
N TYR D 80 35.74 10.22 -12.82
CA TYR D 80 34.93 9.05 -12.52
C TYR D 80 35.63 8.22 -11.50
N MET D 81 34.85 7.60 -10.64
CA MET D 81 35.33 6.51 -9.81
C MET D 81 34.55 5.28 -10.18
N GLU D 82 35.23 4.17 -10.32
CA GLU D 82 34.54 2.90 -10.52
C GLU D 82 35.01 1.94 -9.41
N LEU D 83 34.07 1.45 -8.60
CA LEU D 83 34.39 0.54 -7.51
C LEU D 83 33.76 -0.78 -7.84
N SER D 84 34.55 -1.84 -7.85
CA SER D 84 34.09 -3.16 -8.26
CA SER D 84 34.09 -3.16 -8.26
C SER D 84 33.95 -4.09 -7.06
N SER D 85 33.32 -5.24 -7.29
CA SER D 85 33.11 -6.27 -6.26
C SER D 85 32.49 -5.67 -5.00
N LEU D 86 31.39 -4.95 -5.22
CA LEU D 86 30.72 -4.25 -4.14
C LEU D 86 30.22 -5.20 -3.05
N ARG D 87 30.33 -4.74 -1.81
CA ARG D 87 29.75 -5.42 -0.66
C ARG D 87 28.80 -4.45 0.05
N SER D 88 27.95 -4.99 0.93
CA SER D 88 27.05 -4.15 1.71
C SER D 88 27.80 -3.02 2.40
N GLU D 89 29.03 -3.30 2.84
CA GLU D 89 29.96 -2.37 3.48
C GLU D 89 30.34 -1.15 2.63
N ASP D 90 30.16 -1.22 1.32
CA ASP D 90 30.40 -0.08 0.46
C ASP D 90 29.19 0.84 0.38
N THR D 91 28.16 0.58 1.14
CA THR D 91 27.00 1.45 1.20
C THR D 91 27.38 2.67 1.99
N THR D 92 27.55 3.78 1.33
CA THR D 92 28.13 4.97 1.95
C THR D 92 27.86 6.12 1.00
N VAL D 93 28.24 7.29 1.43
CA VAL D 93 28.29 8.45 0.55
C VAL D 93 29.68 8.61 -0.04
N TYR D 94 29.73 8.90 -1.32
CA TYR D 94 31.02 9.08 -2.01
C TYR D 94 31.09 10.53 -2.44
N TYR D 95 32.22 11.19 -2.14
CA TYR D 95 32.47 12.59 -2.51
C TYR D 95 33.66 12.71 -3.44
N CYS D 96 33.55 13.58 -4.42
CA CYS D 96 34.72 14.04 -5.14
CA CYS D 96 34.68 14.07 -5.19
C CYS D 96 35.11 15.40 -4.59
N ALA D 97 36.43 15.67 -4.57
CA ALA D 97 36.93 16.92 -4.00
C ALA D 97 38.08 17.39 -4.87
N ARG D 98 38.13 18.70 -5.08
CA ARG D 98 39.19 19.27 -5.89
C ARG D 98 40.41 19.54 -5.01
N ASP D 99 41.62 19.35 -5.57
CA ASP D 99 42.87 19.70 -4.93
C ASP D 99 43.82 20.28 -5.97
N GLY D 100 44.99 20.68 -5.53
CA GLY D 100 45.91 21.35 -6.44
C GLY D 100 46.71 20.36 -7.28
N PHE D 101 47.19 20.87 -8.44
CA PHE D 101 48.24 20.21 -9.20
C PHE D 101 49.44 21.13 -9.25
N CYS D 102 50.50 20.71 -8.68
CA CYS D 102 51.70 21.56 -8.62
C CYS D 102 52.68 21.22 -9.75
N PRO D 103 53.19 22.24 -10.45
CA PRO D 103 54.17 22.02 -11.53
C PRO D 103 55.64 21.96 -11.10
N SER D 104 55.93 22.11 -9.83
CA SER D 104 57.32 22.29 -9.38
C SER D 104 57.67 21.31 -8.27
N ASN D 105 58.81 21.48 -7.61
CA ASN D 105 59.14 20.63 -6.48
C ASN D 105 59.08 21.34 -5.14
N THR D 106 58.63 22.58 -5.10
CA THR D 106 58.31 23.28 -3.85
C THR D 106 56.85 23.70 -3.95
N CYS D 107 55.98 23.03 -3.20
CA CYS D 107 54.55 23.09 -3.48
C CYS D 107 53.69 23.62 -2.36
N SER D 108 54.22 24.47 -1.49
CA SER D 108 53.35 25.18 -0.55
C SER D 108 52.31 25.98 -1.32
N GLY D 109 51.12 26.11 -0.73
CA GLY D 109 50.07 26.89 -1.33
C GLY D 109 49.20 26.15 -2.32
N TYR D 110 49.40 24.85 -2.48
CA TYR D 110 48.63 24.13 -3.48
C TYR D 110 47.61 23.13 -2.94
N TYR D 111 47.82 22.55 -1.77
CA TYR D 111 47.06 21.38 -1.41
C TYR D 111 46.07 21.69 -0.30
N GLY D 112 44.91 21.07 -0.42
CA GLY D 112 43.79 21.24 0.51
C GLY D 112 42.54 20.97 -0.29
N MET D 113 41.57 20.21 0.27
CA MET D 113 40.42 19.82 -0.54
C MET D 113 39.43 20.98 -0.45
N ASP D 114 39.51 21.89 -1.44
CA ASP D 114 38.85 23.18 -1.32
C ASP D 114 37.43 23.22 -1.85
N VAL D 115 37.11 22.41 -2.84
CA VAL D 115 35.78 22.38 -3.47
C VAL D 115 35.30 20.95 -3.43
N TRP D 116 34.09 20.74 -2.91
CA TRP D 116 33.54 19.39 -2.80
C TRP D 116 32.29 19.22 -3.63
N GLY D 117 32.11 18.03 -4.15
CA GLY D 117 30.83 17.68 -4.72
C GLY D 117 29.77 17.50 -3.64
N GLN D 118 28.52 17.31 -4.07
CA GLN D 118 27.43 17.22 -3.11
C GLN D 118 27.36 15.82 -2.50
N GLY D 119 28.11 14.88 -3.00
CA GLY D 119 28.03 13.50 -2.52
C GLY D 119 27.07 12.67 -3.37
N THR D 120 27.38 11.37 -3.45
CA THR D 120 26.52 10.39 -4.11
C THR D 120 26.32 9.24 -3.13
N THR D 121 25.06 8.90 -2.84
CA THR D 121 24.79 7.72 -2.05
C THR D 121 24.83 6.50 -2.96
N VAL D 122 25.58 5.48 -2.57
CA VAL D 122 25.53 4.17 -3.18
C VAL D 122 24.96 3.19 -2.16
N THR D 123 23.91 2.47 -2.54
CA THR D 123 23.35 1.44 -1.69
C THR D 123 23.66 0.12 -2.35
N VAL D 124 24.27 -0.78 -1.59
CA VAL D 124 24.57 -2.13 -2.05
C VAL D 124 23.65 -3.11 -1.35
N SER D 125 22.74 -3.72 -2.12
CA SER D 125 21.69 -4.52 -1.53
C SER D 125 21.12 -5.42 -2.62
N SER D 126 20.63 -6.58 -2.21
CA SER D 126 19.95 -7.47 -3.16
C SER D 126 18.51 -7.11 -3.38
N ALA D 127 17.99 -6.11 -2.68
CA ALA D 127 16.57 -5.77 -2.78
C ALA D 127 16.21 -5.11 -4.11
N SER D 128 14.94 -5.28 -4.48
CA SER D 128 14.40 -4.60 -5.64
C SER D 128 13.56 -3.43 -5.15
N THR D 129 13.35 -2.49 -6.05
CA THR D 129 12.48 -1.36 -5.80
C THR D 129 11.09 -1.81 -5.35
N LYS D 130 10.61 -1.21 -4.28
CA LYS D 130 9.28 -1.51 -3.77
C LYS D 130 8.68 -0.26 -3.12
N GLY D 131 7.43 0.07 -3.48
CA GLY D 131 6.76 1.21 -2.87
C GLY D 131 6.29 0.83 -1.48
N PRO D 132 6.01 1.81 -0.65
CA PRO D 132 5.65 1.55 0.75
C PRO D 132 4.18 1.22 0.94
N SER D 133 3.92 0.53 2.05
CA SER D 133 2.58 0.51 2.64
C SER D 133 2.50 1.64 3.63
N VAL D 134 1.36 2.32 3.68
CA VAL D 134 1.21 3.44 4.59
C VAL D 134 0.11 3.09 5.59
N PHE D 135 0.47 3.07 6.89
CA PHE D 135 -0.51 2.75 7.92
C PHE D 135 -0.74 3.95 8.83
N PRO D 136 -1.97 4.12 9.31
CA PRO D 136 -2.25 5.28 10.18
C PRO D 136 -1.82 4.96 11.60
N LEU D 137 -1.27 5.97 12.25
CA LEU D 137 -0.93 5.95 13.67
C LEU D 137 -2.00 6.84 14.31
N ALA D 138 -3.07 6.23 14.71
CA ALA D 138 -4.24 7.01 15.11
C ALA D 138 -4.06 7.63 16.49
N PRO D 139 -4.66 8.78 16.74
CA PRO D 139 -4.64 9.37 18.08
C PRO D 139 -5.62 8.67 19.02
N SER D 140 -5.48 8.99 20.30
CA SER D 140 -6.48 8.73 21.37
C SER D 140 -6.82 7.25 21.56
N SER D 145 -8.33 16.27 26.11
CA SER D 145 -9.36 17.18 26.59
C SER D 145 -8.72 18.47 27.12
N GLY D 146 -8.54 19.45 26.23
CA GLY D 146 -7.83 20.66 26.52
C GLY D 146 -6.36 20.64 26.12
N GLY D 147 -5.76 19.46 26.01
CA GLY D 147 -4.36 19.34 25.72
C GLY D 147 -4.11 18.98 24.27
N THR D 148 -2.99 18.31 24.04
CA THR D 148 -2.53 18.00 22.70
C THR D 148 -2.57 16.49 22.47
N ALA D 149 -2.59 16.11 21.20
CA ALA D 149 -2.70 14.73 20.78
C ALA D 149 -1.69 14.49 19.66
N ALA D 150 -1.07 13.31 19.67
CA ALA D 150 -0.15 12.93 18.61
C ALA D 150 -0.81 11.93 17.69
N LEU D 151 -0.63 12.15 16.37
CA LEU D 151 -1.12 11.25 15.31
C LEU D 151 -0.07 11.20 14.19
N GLY D 152 -0.11 10.15 13.39
CA GLY D 152 1.01 9.97 12.49
C GLY D 152 0.74 8.99 11.39
N CYS D 153 1.77 8.69 10.61
N CYS D 153 1.77 8.72 10.61
CA CYS D 153 1.61 7.63 9.65
CA CYS D 153 1.72 7.71 9.57
C CYS D 153 2.91 6.87 9.56
C CYS D 153 2.96 6.86 9.68
N LEU D 154 2.79 5.57 9.47
CA LEU D 154 3.91 4.66 9.41
C LEU D 154 4.09 4.28 7.95
N VAL D 155 5.25 4.57 7.39
CA VAL D 155 5.54 4.33 5.98
C VAL D 155 6.47 3.14 5.96
N LYS D 156 5.93 2.01 5.55
CA LYS D 156 6.54 0.73 5.88
C LYS D 156 6.97 0.01 4.61
N ASP D 157 8.17 -0.54 4.68
CA ASP D 157 8.65 -1.57 3.76
C ASP D 157 8.87 -1.06 2.36
N TYR D 158 9.68 -0.03 2.22
CA TYR D 158 9.98 0.46 0.90
C TYR D 158 11.47 0.30 0.60
N PHE D 159 11.82 0.42 -0.70
CA PHE D 159 13.22 0.37 -1.07
C PHE D 159 13.31 0.97 -2.46
N PRO D 160 14.35 1.73 -2.77
CA PRO D 160 15.40 2.23 -1.92
C PRO D 160 14.90 3.50 -1.23
N GLU D 161 15.76 4.12 -0.45
CA GLU D 161 15.48 5.47 -0.05
C GLU D 161 15.54 6.39 -1.26
N PRO D 162 14.93 7.59 -1.15
CA PRO D 162 14.20 8.20 -0.03
C PRO D 162 12.65 8.16 -0.16
N VAL D 163 11.94 8.47 0.91
CA VAL D 163 10.52 8.79 0.88
C VAL D 163 10.37 10.21 1.40
N THR D 164 9.40 10.97 0.88
CA THR D 164 9.03 12.24 1.48
C THR D 164 7.60 12.21 2.04
N VAL D 165 7.39 12.92 3.15
CA VAL D 165 6.10 12.95 3.84
C VAL D 165 5.68 14.39 4.06
N SER D 166 4.48 14.72 3.60
CA SER D 166 3.84 15.98 3.98
C SER D 166 2.48 15.69 4.61
N TRP D 167 1.88 16.75 5.18
CA TRP D 167 0.60 16.64 5.86
C TRP D 167 -0.35 17.67 5.29
N ASN D 168 -1.56 17.24 4.90
CA ASN D 168 -2.55 18.12 4.29
C ASN D 168 -1.94 18.92 3.13
N SER D 169 -1.18 18.20 2.29
CA SER D 169 -0.60 18.74 1.07
C SER D 169 0.36 19.91 1.33
N GLY D 170 1.11 19.83 2.44
CA GLY D 170 1.97 20.91 2.84
C GLY D 170 1.31 22.03 3.64
N ALA D 171 -0.02 22.03 3.78
CA ALA D 171 -0.69 23.07 4.57
C ALA D 171 -0.42 22.93 6.06
N LEU D 172 0.07 21.78 6.51
CA LEU D 172 0.36 21.53 7.92
C LEU D 172 1.86 21.30 8.06
N THR D 173 2.54 22.20 8.79
CA THR D 173 3.96 22.02 9.08
C THR D 173 4.26 22.15 10.58
N SER D 174 3.42 22.92 11.30
CA SER D 174 3.66 23.14 12.73
C SER D 174 3.59 21.82 13.49
N GLY D 175 4.65 21.54 14.25
CA GLY D 175 4.68 20.34 15.07
C GLY D 175 4.80 19.04 14.30
N VAL D 176 5.27 19.07 13.05
CA VAL D 176 5.50 17.85 12.28
C VAL D 176 6.95 17.43 12.46
N HIS D 177 7.18 16.14 12.73
CA HIS D 177 8.52 15.56 12.70
CA HIS D 177 8.51 15.60 12.62
C HIS D 177 8.47 14.30 11.85
N THR D 178 9.40 14.17 10.93
CA THR D 178 9.53 12.98 10.11
C THR D 178 10.90 12.41 10.40
N PHE D 179 10.93 11.25 10.85
CA PHE D 179 12.10 10.57 11.40
C PHE D 179 12.88 9.91 10.27
N PRO D 180 14.19 9.75 10.44
CA PRO D 180 14.95 8.99 9.44
C PRO D 180 14.50 7.55 9.43
N ALA D 181 14.84 6.88 8.32
CA ALA D 181 14.36 5.52 8.11
C ALA D 181 15.23 4.51 8.87
N VAL D 182 14.59 3.39 9.24
CA VAL D 182 15.31 2.24 9.72
C VAL D 182 15.39 1.24 8.57
N LEU D 183 16.38 0.38 8.63
CA LEU D 183 16.56 -0.67 7.65
C LEU D 183 16.27 -1.98 8.36
N GLN D 184 15.25 -2.68 7.90
CA GLN D 184 14.94 -3.93 8.59
C GLN D 184 15.76 -5.07 8.02
N SER D 185 15.70 -6.20 8.73
CA SER D 185 16.52 -7.31 8.26
C SER D 185 15.93 -7.95 7.01
N SER D 186 14.73 -7.55 6.60
CA SER D 186 14.18 -7.87 5.29
C SER D 186 14.92 -7.13 4.17
N GLY D 187 15.70 -6.11 4.49
CA GLY D 187 16.31 -5.28 3.47
C GLY D 187 15.49 -4.07 3.09
N LEU D 188 14.31 -3.90 3.69
CA LEU D 188 13.41 -2.80 3.33
C LEU D 188 13.46 -1.76 4.46
N TYR D 189 13.23 -0.52 4.09
CA TYR D 189 13.19 0.62 4.98
C TYR D 189 11.77 0.90 5.51
N SER D 190 11.72 1.54 6.69
CA SER D 190 10.50 2.09 7.26
CA SER D 190 10.51 2.10 7.24
C SER D 190 10.82 3.43 7.88
N LEU D 191 9.84 4.33 7.85
CA LEU D 191 9.96 5.57 8.63
C LEU D 191 8.57 5.97 9.08
N SER D 192 8.54 6.93 10.03
CA SER D 192 7.28 7.46 10.52
C SER D 192 7.32 8.98 10.46
N SER D 193 6.14 9.56 10.36
CA SER D 193 5.96 11.01 10.49
C SER D 193 4.86 11.22 11.51
N VAL D 194 5.06 12.17 12.44
CA VAL D 194 4.12 12.45 13.49
C VAL D 194 3.83 13.94 13.44
N VAL D 195 2.60 14.29 13.82
CA VAL D 195 2.25 15.69 14.08
C VAL D 195 1.49 15.77 15.41
N THR D 196 1.83 16.78 16.22
CA THR D 196 1.13 17.01 17.49
C THR D 196 0.14 18.14 17.27
N VAL D 197 -1.10 17.93 17.68
CA VAL D 197 -2.18 18.83 17.31
C VAL D 197 -3.11 19.00 18.52
N PRO D 198 -3.93 20.05 18.50
CA PRO D 198 -4.89 20.21 19.60
C PRO D 198 -5.85 19.04 19.68
N SER D 199 -5.96 18.46 20.88
CA SER D 199 -6.92 17.38 21.09
C SER D 199 -8.33 17.79 20.71
N SER D 200 -8.68 19.08 20.83
CA SER D 200 -10.00 19.51 20.38
C SER D 200 -10.13 19.48 18.86
N SER D 201 -9.02 19.51 18.11
CA SER D 201 -9.09 19.50 16.65
C SER D 201 -9.44 18.13 16.07
N LEU D 202 -9.26 17.05 16.82
CA LEU D 202 -9.51 15.72 16.27
C LEU D 202 -10.99 15.55 15.96
N GLY D 203 -11.29 14.81 14.90
CA GLY D 203 -12.67 14.57 14.53
C GLY D 203 -13.39 15.75 13.92
N THR D 204 -12.89 16.98 14.03
CA THR D 204 -13.35 18.10 13.22
C THR D 204 -12.40 18.46 12.10
N GLN D 205 -11.10 18.33 12.33
CA GLN D 205 -10.08 18.66 11.34
C GLN D 205 -9.60 17.37 10.68
N THR D 206 -9.51 17.39 9.33
CA THR D 206 -9.01 16.25 8.57
C THR D 206 -7.50 16.32 8.47
N TYR D 207 -6.85 15.19 8.78
CA TYR D 207 -5.41 15.06 8.72
C TYR D 207 -5.13 13.98 7.70
N ILE D 208 -4.41 14.33 6.63
CA ILE D 208 -4.06 13.40 5.58
C ILE D 208 -2.55 13.42 5.45
N CYS D 209 -1.92 12.25 5.52
CA CYS D 209 -0.50 12.14 5.28
CA CYS D 209 -0.50 12.19 5.25
C CYS D 209 -0.28 11.88 3.78
N ASN D 210 0.63 12.63 3.17
CA ASN D 210 0.96 12.53 1.76
C ASN D 210 2.33 11.92 1.67
N VAL D 211 2.43 10.75 1.03
CA VAL D 211 3.70 10.03 0.94
C VAL D 211 4.12 9.91 -0.52
N ASN D 212 5.36 10.25 -0.81
CA ASN D 212 5.90 10.21 -2.18
C ASN D 212 7.14 9.33 -2.17
N HIS D 213 7.14 8.29 -2.99
CA HIS D 213 8.31 7.39 -3.11
C HIS D 213 8.67 7.42 -4.58
N LYS D 214 9.49 8.40 -4.93
CA LYS D 214 9.85 8.58 -6.32
C LYS D 214 10.60 7.39 -6.91
N PRO D 215 11.44 6.65 -6.20
CA PRO D 215 12.08 5.50 -6.84
C PRO D 215 11.10 4.47 -7.39
N SER D 216 9.94 4.27 -6.76
CA SER D 216 8.93 3.36 -7.28
C SER D 216 7.78 4.09 -7.96
N ASN D 217 7.85 5.42 -8.10
CA ASN D 217 6.80 6.18 -8.81
C ASN D 217 5.45 5.90 -8.15
N THR D 218 5.45 5.98 -6.83
CA THR D 218 4.28 5.71 -6.00
C THR D 218 3.97 6.98 -5.22
N LYS D 219 2.69 7.37 -5.19
CA LYS D 219 2.23 8.36 -4.22
C LYS D 219 1.05 7.78 -3.47
N VAL D 220 0.99 8.02 -2.15
CA VAL D 220 -0.12 7.56 -1.32
C VAL D 220 -0.65 8.72 -0.49
N ASP D 221 -1.97 8.91 -0.46
CA ASP D 221 -2.60 9.79 0.53
C ASP D 221 -3.42 8.94 1.51
N LYS D 222 -3.21 9.17 2.80
CA LYS D 222 -3.82 8.34 3.83
C LYS D 222 -4.43 9.26 4.88
N LYS D 223 -5.73 9.23 5.02
CA LYS D 223 -6.38 10.00 6.10
C LYS D 223 -6.18 9.27 7.42
N VAL D 224 -5.82 10.03 8.47
CA VAL D 224 -5.55 9.46 9.78
C VAL D 224 -6.61 9.99 10.73
N GLU D 225 -7.43 9.07 11.25
CA GLU D 225 -8.62 9.33 12.04
C GLU D 225 -8.46 8.79 13.45
N PRO D 226 -9.13 9.41 14.43
CA PRO D 226 -9.17 8.84 15.79
C PRO D 226 -9.88 7.48 15.76
N LYS D 227 -9.45 6.60 16.67
CA LYS D 227 -9.94 5.21 16.69
C LYS D 227 -11.40 5.11 17.16
N GLY E 7 -62.50 -28.23 1.39
CA GLY E 7 -61.11 -27.93 1.08
C GLY E 7 -60.92 -26.51 0.54
N ASN E 8 -59.91 -25.78 1.04
CA ASN E 8 -59.77 -24.36 0.74
C ASN E 8 -58.44 -24.13 0.05
N PRO E 9 -58.40 -24.08 -1.29
CA PRO E 9 -57.15 -23.68 -1.97
C PRO E 9 -56.81 -22.20 -1.84
N ASP E 10 -57.70 -21.41 -1.23
CA ASP E 10 -57.50 -19.96 -1.09
C ASP E 10 -57.69 -19.58 0.37
N PRO E 11 -56.89 -20.16 1.28
CA PRO E 11 -57.00 -19.86 2.70
C PRO E 11 -56.47 -18.46 3.02
N ASN E 12 -56.84 -17.99 4.20
CA ASN E 12 -56.15 -16.85 4.77
C ASN E 12 -54.73 -17.25 5.17
N ALA E 13 -53.73 -16.64 4.51
CA ALA E 13 -52.32 -16.92 4.73
C ALA E 13 -51.70 -16.06 5.81
N ASN E 14 -52.31 -14.93 6.13
CA ASN E 14 -51.64 -13.96 7.01
C ASN E 14 -51.47 -14.50 8.43
N PRO E 15 -50.39 -14.15 9.11
CA PRO E 15 -50.22 -14.66 10.46
C PRO E 15 -51.27 -14.10 11.39
N GLY F 7 65.17 16.86 4.26
CA GLY F 7 63.88 16.43 3.70
C GLY F 7 62.94 17.58 3.40
N ASN F 8 62.38 17.61 2.20
CA ASN F 8 61.54 18.71 1.75
C ASN F 8 60.15 18.62 2.38
N PRO F 9 59.73 19.59 3.21
CA PRO F 9 58.37 19.51 3.82
C PRO F 9 57.26 20.01 2.92
N ASP F 10 57.62 20.57 1.76
CA ASP F 10 56.68 20.98 0.73
C ASP F 10 56.99 20.32 -0.62
N PRO F 11 57.00 19.00 -0.67
CA PRO F 11 57.28 18.30 -1.93
C PRO F 11 56.10 18.31 -2.88
N ASN F 12 56.37 17.90 -4.11
CA ASN F 12 55.29 17.64 -5.03
C ASN F 12 54.58 16.34 -4.66
N ALA F 13 53.28 16.43 -4.36
CA ALA F 13 52.54 15.27 -3.92
C ALA F 13 51.77 14.61 -5.05
N ASN F 14 51.71 15.25 -6.20
CA ASN F 14 50.82 14.75 -7.22
C ASN F 14 51.40 13.48 -7.82
N PRO F 15 50.55 12.54 -8.23
CA PRO F 15 51.06 11.32 -8.82
C PRO F 15 51.69 11.60 -10.14
#